data_7Q63
#
_entry.id   7Q63
#
_cell.length_a   85.902
_cell.length_b   152.580
_cell.length_c   146.824
_cell.angle_alpha   90.000
_cell.angle_beta   90.000
_cell.angle_gamma   90.000
#
_symmetry.space_group_name_H-M   'C 2 2 21'
#
loop_
_entity.id
_entity.type
_entity.pdbx_description
1 polymer 'Tyrosine-protein kinase SYK'
2 non-polymer DI(HYDROXYETHYL)ETHER
3 non-polymer 'THIOCYANATE ION'
4 non-polymer 'CHLORIDE ION'
5 non-polymer 1,2-ETHANEDIOL
6 water water
#
_entity_poly.entity_id   1
_entity_poly.type   'polypeptide(L)'
_entity_poly.pdbx_seq_one_letter_code
;SMADSANHLPFFFGNITREEAEDYLVQGGMSDGLYLLRQSRNYLGGFALSVAHGRKAHHYTIERELNGTYAIAGGRTHAS
PADLCHYHSQESDGLVCLLKKPFNRPQGVQPKTGPFEDLKENLIREYVKQTWNLQGQALEQAIISQKPQLEKLIATTAHE
KMPWFHGKISREESEQIVLIGSKTNGKFLIRARDNNGSYALCLLHEGKVLHYRIDKDKTGKLSIPEGKKFDTLWQLVEHY
SYKADGLLRVLTVPCQKIGTQGNVN
;
_entity_poly.pdbx_strand_id   AAA,BBB,CCC
#
loop_
_chem_comp.id
_chem_comp.type
_chem_comp.name
_chem_comp.formula
CL non-polymer 'CHLORIDE ION' 'Cl -1'
EDO non-polymer 1,2-ETHANEDIOL 'C2 H6 O2'
PEG non-polymer DI(HYDROXYETHYL)ETHER 'C4 H10 O3'
SCN non-polymer 'THIOCYANATE ION' 'C N S -1'
#
# COMPACT_ATOMS: atom_id res chain seq x y z
N SER A 1 -31.09 4.01 -31.98
CA SER A 1 -29.79 3.34 -31.66
C SER A 1 -30.06 1.85 -31.34
N MET A 2 -29.01 1.04 -31.31
CA MET A 2 -29.08 -0.36 -30.83
C MET A 2 -29.58 -0.37 -29.36
N ALA A 3 -29.26 0.66 -28.57
CA ALA A 3 -29.73 0.83 -27.17
C ALA A 3 -31.27 0.85 -27.16
N ASP A 4 -31.91 1.49 -28.14
CA ASP A 4 -33.39 1.52 -28.27
C ASP A 4 -33.90 0.10 -28.59
N SER A 5 -33.21 -0.66 -29.46
CA SER A 5 -33.51 -2.09 -29.71
C SER A 5 -33.28 -2.91 -28.44
N ALA A 6 -32.15 -2.67 -27.75
CA ALA A 6 -31.74 -3.45 -26.55
C ALA A 6 -32.75 -3.25 -25.41
N ASN A 7 -33.51 -2.14 -25.40
CA ASN A 7 -34.61 -1.91 -24.44
C ASN A 7 -35.65 -3.03 -24.49
N HIS A 8 -35.82 -3.69 -25.64
CA HIS A 8 -36.76 -4.84 -25.79
C HIS A 8 -36.18 -6.09 -25.12
N LEU A 9 -34.90 -6.11 -24.75
CA LEU A 9 -34.31 -7.25 -23.99
C LEU A 9 -34.62 -7.07 -22.52
N PRO A 10 -35.25 -8.06 -21.87
CA PRO A 10 -35.66 -7.92 -20.47
C PRO A 10 -34.47 -7.94 -19.50
N PHE A 11 -33.28 -8.35 -19.96
CA PHE A 11 -32.03 -8.40 -19.15
C PHE A 11 -31.06 -7.27 -19.54
N PHE A 12 -31.53 -6.26 -20.29
CA PHE A 12 -30.75 -5.03 -20.58
C PHE A 12 -31.08 -3.95 -19.56
N PHE A 13 -30.07 -3.40 -18.90
CA PHE A 13 -30.19 -2.46 -17.75
C PHE A 13 -29.81 -1.04 -18.12
N GLY A 14 -29.44 -0.78 -19.37
CA GLY A 14 -29.02 0.55 -19.81
C GLY A 14 -27.69 0.95 -19.18
N ASN A 15 -27.53 2.24 -18.89
CA ASN A 15 -26.27 2.83 -18.38
C ASN A 15 -26.26 2.72 -16.85
N ILE A 16 -25.76 1.61 -16.31
CA ILE A 16 -25.56 1.42 -14.84
C ILE A 16 -24.07 1.31 -14.61
N THR A 17 -23.62 1.45 -13.37
CA THR A 17 -22.20 1.27 -13.03
C THR A 17 -21.91 -0.22 -13.00
N ARG A 18 -20.64 -0.55 -13.12
CA ARG A 18 -20.08 -1.90 -12.86
C ARG A 18 -20.57 -2.37 -11.49
N GLU A 19 -20.55 -1.51 -10.47
CA GLU A 19 -20.90 -1.93 -9.09
C GLU A 19 -22.38 -2.27 -9.04
N GLU A 20 -23.23 -1.46 -9.67
CA GLU A 20 -24.69 -1.66 -9.75
C GLU A 20 -24.99 -2.96 -10.49
N ALA A 21 -24.25 -3.26 -11.57
CA ALA A 21 -24.40 -4.54 -12.30
C ALA A 21 -24.15 -5.70 -11.34
N GLU A 22 -23.06 -5.59 -10.56
CA GLU A 22 -22.66 -6.65 -9.61
C GLU A 22 -23.73 -6.83 -8.54
N ASP A 23 -24.27 -5.73 -8.00
CA ASP A 23 -25.40 -5.76 -7.01
C ASP A 23 -26.56 -6.55 -7.61
N TYR A 24 -26.88 -6.34 -8.89
CA TYR A 24 -28.03 -7.05 -9.53
C TYR A 24 -27.70 -8.53 -9.63
N LEU A 25 -26.47 -8.89 -9.99
CA LEU A 25 -26.10 -10.33 -10.10
C LEU A 25 -26.23 -11.00 -8.71
N VAL A 26 -25.86 -10.29 -7.64
CA VAL A 26 -26.03 -10.85 -6.25
C VAL A 26 -27.54 -11.09 -6.00
N GLN A 27 -28.37 -10.10 -6.29
CA GLN A 27 -29.84 -10.17 -6.18
C GLN A 27 -30.35 -11.45 -6.85
N GLY A 28 -29.82 -11.78 -8.03
CA GLY A 28 -30.27 -12.94 -8.83
C GLY A 28 -29.63 -14.24 -8.40
N GLY A 29 -28.85 -14.23 -7.31
CA GLY A 29 -28.30 -15.47 -6.72
C GLY A 29 -26.86 -15.74 -7.08
N MET A 30 -26.24 -14.91 -7.94
CA MET A 30 -24.78 -15.01 -8.18
C MET A 30 -24.41 -16.43 -8.60
N SER A 31 -25.32 -17.12 -9.29
CA SER A 31 -25.11 -18.50 -9.79
C SER A 31 -24.24 -18.45 -11.04
N ASP A 32 -23.40 -19.46 -11.23
CA ASP A 32 -22.51 -19.61 -12.40
C ASP A 32 -23.34 -19.43 -13.68
N GLY A 33 -22.89 -18.55 -14.58
CA GLY A 33 -23.53 -18.33 -15.91
C GLY A 33 -24.74 -17.42 -15.85
N LEU A 34 -25.05 -16.85 -14.68
CA LEU A 34 -26.01 -15.75 -14.55
C LEU A 34 -25.41 -14.50 -15.22
N TYR A 35 -26.17 -13.78 -16.04
CA TYR A 35 -25.62 -12.61 -16.77
C TYR A 35 -26.68 -11.55 -17.00
N LEU A 36 -26.22 -10.33 -17.25
CA LEU A 36 -27.06 -9.23 -17.73
C LEU A 36 -26.26 -8.43 -18.74
N LEU A 37 -26.98 -7.60 -19.47
CA LEU A 37 -26.42 -6.70 -20.49
C LEU A 37 -26.62 -5.27 -20.05
N ARG A 38 -25.67 -4.41 -20.38
CA ARG A 38 -25.77 -2.98 -20.08
C ARG A 38 -25.06 -2.19 -21.17
N GLN A 39 -25.11 -0.87 -21.08
CA GLN A 39 -24.48 0.04 -22.05
C GLN A 39 -23.03 0.24 -21.65
N SER A 40 -22.09 0.22 -22.59
CA SER A 40 -20.68 0.63 -22.38
C SER A 40 -20.72 2.11 -22.02
N ARG A 41 -19.97 2.46 -20.99
CA ARG A 41 -19.87 3.85 -20.53
C ARG A 41 -18.73 4.59 -21.24
N ASN A 42 -17.81 3.90 -21.90
CA ASN A 42 -16.69 4.60 -22.60
C ASN A 42 -16.57 4.24 -24.09
N TYR A 43 -17.35 3.28 -24.61
CA TYR A 43 -17.38 3.00 -26.09
C TYR A 43 -18.74 3.41 -26.61
N LEU A 44 -18.76 4.45 -27.44
CA LEU A 44 -20.00 4.94 -28.03
C LEU A 44 -20.62 3.81 -28.89
N GLY A 45 -21.89 3.54 -28.72
CA GLY A 45 -22.62 2.44 -29.41
C GLY A 45 -22.29 1.09 -28.81
N GLY A 46 -21.48 1.06 -27.75
CA GLY A 46 -21.00 -0.19 -27.13
C GLY A 46 -21.94 -0.73 -26.07
N PHE A 47 -21.73 -1.99 -25.71
CA PHE A 47 -22.45 -2.68 -24.63
C PHE A 47 -21.42 -3.31 -23.70
N ALA A 48 -21.89 -3.80 -22.57
CA ALA A 48 -21.08 -4.58 -21.62
C ALA A 48 -21.94 -5.76 -21.15
N LEU A 49 -21.29 -6.90 -21.02
CA LEU A 49 -21.85 -8.16 -20.53
C LEU A 49 -21.30 -8.35 -19.11
N SER A 50 -22.16 -8.55 -18.13
CA SER A 50 -21.74 -8.86 -16.73
C SER A 50 -22.19 -10.29 -16.37
N VAL A 51 -21.25 -11.16 -16.04
CA VAL A 51 -21.48 -12.61 -15.81
C VAL A 51 -20.96 -13.04 -14.43
N ALA A 52 -21.75 -13.82 -13.69
CA ALA A 52 -21.32 -14.46 -12.42
C ALA A 52 -20.64 -15.80 -12.74
N HIS A 53 -19.44 -16.01 -12.20
CA HIS A 53 -18.75 -17.33 -12.19
C HIS A 53 -17.80 -17.39 -10.99
N GLY A 54 -17.88 -18.47 -10.21
CA GLY A 54 -17.11 -18.66 -8.96
C GLY A 54 -17.36 -17.52 -7.98
N ARG A 55 -18.61 -17.07 -7.87
CA ARG A 55 -19.05 -15.99 -6.94
C ARG A 55 -18.21 -14.72 -7.17
N LYS A 56 -17.73 -14.53 -8.39
CA LYS A 56 -17.12 -13.25 -8.87
C LYS A 56 -17.89 -12.75 -10.11
N ALA A 57 -17.89 -11.45 -10.32
CA ALA A 57 -18.44 -10.77 -11.51
C ALA A 57 -17.33 -10.63 -12.57
N HIS A 58 -17.63 -11.00 -13.80
CA HIS A 58 -16.75 -10.89 -14.99
C HIS A 58 -17.42 -9.93 -15.97
N HIS A 59 -16.71 -8.88 -16.36
CA HIS A 59 -17.22 -7.79 -17.21
C HIS A 59 -16.50 -7.81 -18.55
N TYR A 60 -17.26 -7.73 -19.65
CA TYR A 60 -16.75 -7.74 -21.03
C TYR A 60 -17.37 -6.58 -21.79
N THR A 61 -16.54 -5.79 -22.44
CA THR A 61 -16.98 -4.72 -23.35
C THR A 61 -17.34 -5.35 -24.71
N ILE A 62 -18.53 -5.03 -25.20
CA ILE A 62 -18.95 -5.34 -26.59
C ILE A 62 -18.83 -4.04 -27.38
N GLU A 63 -17.86 -3.96 -28.28
CA GLU A 63 -17.60 -2.76 -29.11
C GLU A 63 -18.45 -2.82 -30.37
N ARG A 64 -18.89 -1.66 -30.81
CA ARG A 64 -19.45 -1.49 -32.17
C ARG A 64 -18.27 -1.32 -33.14
N GLU A 65 -18.09 -2.28 -34.04
CA GLU A 65 -17.04 -2.28 -35.08
C GLU A 65 -17.37 -1.22 -36.14
N LEU A 66 -16.40 -0.87 -36.98
CA LEU A 66 -16.57 0.16 -38.06
C LEU A 66 -17.72 -0.26 -38.99
N ASN A 67 -17.87 -1.54 -39.28
CA ASN A 67 -18.97 -2.01 -40.17
C ASN A 67 -20.30 -2.06 -39.39
N GLY A 68 -20.38 -1.59 -38.15
CA GLY A 68 -21.65 -1.60 -37.39
C GLY A 68 -21.97 -2.91 -36.68
N THR A 69 -21.12 -3.94 -36.76
CA THR A 69 -21.32 -5.21 -36.01
C THR A 69 -20.75 -5.09 -34.59
N TYR A 70 -20.91 -6.14 -33.80
CA TYR A 70 -20.63 -6.15 -32.34
C TYR A 70 -19.70 -7.29 -32.00
N ALA A 71 -18.65 -6.99 -31.24
CA ALA A 71 -17.61 -7.98 -30.88
C ALA A 71 -16.98 -7.61 -29.55
N ILE A 72 -16.61 -8.63 -28.80
CA ILE A 72 -15.65 -8.53 -27.67
C ILE A 72 -14.25 -8.73 -28.25
N ALA A 73 -13.30 -7.88 -27.85
N ALA A 73 -13.30 -7.86 -27.86
CA ALA A 73 -11.85 -7.91 -28.22
CA ALA A 73 -11.87 -7.90 -28.23
C ALA A 73 -11.38 -9.35 -28.47
C ALA A 73 -11.66 -8.28 -29.71
N GLY A 74 -10.92 -9.65 -29.69
N GLY A 74 -12.31 -7.57 -30.63
CA GLY A 74 -10.37 -10.96 -30.07
CA GLY A 74 -12.23 -7.84 -32.09
C GLY A 74 -11.44 -12.01 -30.33
C GLY A 74 -12.25 -9.32 -32.39
N GLY A 75 -12.71 -11.60 -30.40
N GLY A 75 -13.06 -10.11 -31.67
CA GLY A 75 -13.86 -12.48 -30.67
CA GLY A 75 -12.94 -11.59 -31.72
C GLY A 75 -14.43 -12.27 -32.08
C GLY A 75 -14.23 -12.32 -32.05
N ARG A 76 -15.42 -13.09 -32.47
N ARG A 76 -14.71 -12.22 -33.29
CA ARG A 76 -16.12 -13.01 -33.78
CA ARG A 76 -15.97 -12.85 -33.80
C ARG A 76 -17.14 -11.88 -33.70
C ARG A 76 -17.11 -11.85 -33.70
N THR A 77 -17.65 -11.40 -34.84
CA THR A 77 -18.63 -10.29 -34.89
C THR A 77 -20.04 -10.86 -34.98
N HIS A 78 -21.02 -10.09 -34.52
CA HIS A 78 -22.44 -10.48 -34.39
C HIS A 78 -23.28 -9.28 -34.85
N ALA A 79 -24.50 -9.52 -35.31
CA ALA A 79 -25.36 -8.45 -35.85
C ALA A 79 -25.91 -7.59 -34.70
N SER A 80 -25.97 -8.13 -33.50
CA SER A 80 -26.56 -7.43 -32.34
C SER A 80 -26.03 -8.03 -31.03
N PRO A 81 -26.13 -7.27 -29.93
CA PRO A 81 -25.84 -7.80 -28.60
C PRO A 81 -26.67 -9.05 -28.26
N ALA A 82 -27.95 -9.04 -28.60
CA ALA A 82 -28.86 -10.20 -28.43
C ALA A 82 -28.26 -11.42 -29.11
N ASP A 83 -27.80 -11.29 -30.36
CA ASP A 83 -27.17 -12.41 -31.12
C ASP A 83 -25.87 -12.83 -30.44
N LEU A 84 -25.09 -11.86 -29.97
CA LEU A 84 -23.82 -12.19 -29.27
C LEU A 84 -24.14 -13.03 -28.02
N CYS A 85 -25.15 -12.63 -27.25
CA CYS A 85 -25.49 -13.31 -25.95
C CYS A 85 -25.97 -14.73 -26.26
N HIS A 86 -26.83 -14.87 -27.29
CA HIS A 86 -27.32 -16.21 -27.72
C HIS A 86 -26.16 -17.11 -28.11
N TYR A 87 -25.27 -16.63 -28.97
CA TYR A 87 -24.04 -17.38 -29.37
C TYR A 87 -23.30 -17.86 -28.11
N HIS A 88 -23.16 -17.02 -27.09
CA HIS A 88 -22.31 -17.30 -25.91
C HIS A 88 -23.07 -18.19 -24.90
N SER A 89 -24.35 -18.41 -25.13
CA SER A 89 -25.17 -19.41 -24.39
C SER A 89 -24.83 -20.82 -24.90
N GLN A 90 -24.17 -20.95 -26.07
CA GLN A 90 -23.85 -22.28 -26.66
C GLN A 90 -22.34 -22.48 -26.76
N GLU A 91 -21.55 -21.42 -26.98
CA GLU A 91 -20.07 -21.46 -27.09
C GLU A 91 -19.47 -20.43 -26.13
N SER A 92 -18.59 -20.84 -25.22
CA SER A 92 -17.90 -19.91 -24.28
C SER A 92 -16.95 -19.04 -25.11
N ASP A 93 -16.22 -19.65 -26.07
CA ASP A 93 -15.42 -18.94 -27.10
C ASP A 93 -14.68 -17.76 -26.45
N GLY A 94 -13.87 -18.04 -25.41
CA GLY A 94 -13.03 -17.00 -24.78
C GLY A 94 -13.58 -16.48 -23.45
N LEU A 95 -14.91 -16.49 -23.24
CA LEU A 95 -15.52 -16.03 -21.96
C LEU A 95 -15.21 -17.04 -20.85
N VAL A 96 -15.33 -16.60 -19.60
CA VAL A 96 -15.13 -17.41 -18.37
C VAL A 96 -16.04 -18.65 -18.37
N CYS A 97 -17.23 -18.58 -18.95
CA CYS A 97 -18.22 -19.68 -18.92
C CYS A 97 -19.35 -19.39 -19.91
N LEU A 98 -20.24 -20.36 -20.12
CA LEU A 98 -21.47 -20.21 -20.94
C LEU A 98 -22.39 -19.21 -20.25
N LEU A 99 -23.10 -18.43 -21.03
CA LEU A 99 -24.21 -17.61 -20.53
C LEU A 99 -25.41 -18.52 -20.35
N LYS A 100 -25.72 -18.85 -19.10
CA LYS A 100 -26.70 -19.91 -18.75
C LYS A 100 -28.07 -19.29 -18.52
N LYS A 101 -28.17 -18.26 -17.69
CA LYS A 101 -29.47 -17.73 -17.26
C LYS A 101 -29.40 -16.20 -17.21
N PRO A 102 -30.24 -15.49 -17.97
CA PRO A 102 -30.25 -14.03 -17.90
C PRO A 102 -30.85 -13.62 -16.55
N PHE A 103 -30.37 -12.53 -15.99
CA PHE A 103 -31.02 -11.81 -14.87
C PHE A 103 -31.83 -10.67 -15.46
N ASN A 104 -33.16 -10.77 -15.39
CA ASN A 104 -34.09 -9.74 -15.92
C ASN A 104 -34.16 -8.55 -14.97
N ARG A 105 -34.38 -7.36 -15.52
CA ARG A 105 -34.73 -6.15 -14.75
C ARG A 105 -35.82 -6.57 -13.77
N PRO A 106 -35.64 -6.39 -12.45
CA PRO A 106 -36.74 -6.56 -11.51
C PRO A 106 -37.90 -5.65 -11.93
N GLN A 107 -39.14 -5.98 -11.55
CA GLN A 107 -40.31 -5.11 -11.85
C GLN A 107 -40.10 -3.74 -11.19
N GLY A 108 -40.50 -2.68 -11.87
CA GLY A 108 -40.25 -1.29 -11.46
C GLY A 108 -39.02 -0.72 -12.13
N VAL A 109 -38.05 -1.58 -12.50
CA VAL A 109 -36.70 -1.15 -13.00
C VAL A 109 -36.75 -1.05 -14.54
N GLN A 110 -36.50 0.15 -15.08
CA GLN A 110 -36.32 0.43 -16.53
C GLN A 110 -34.83 0.49 -16.85
N PRO A 111 -34.43 0.37 -18.14
CA PRO A 111 -33.06 0.69 -18.54
C PRO A 111 -32.71 2.11 -18.07
N LYS A 112 -31.52 2.29 -17.50
CA LYS A 112 -31.10 3.60 -16.94
C LYS A 112 -30.42 4.43 -18.05
N THR A 113 -30.64 5.75 -18.04
CA THR A 113 -30.08 6.73 -19.00
C THR A 113 -29.16 7.73 -18.28
N GLY A 114 -28.14 8.22 -18.96
CA GLY A 114 -27.25 9.27 -18.43
C GLY A 114 -27.72 10.66 -18.85
N PRO A 115 -26.99 11.74 -18.47
CA PRO A 115 -27.37 13.09 -18.87
C PRO A 115 -27.44 13.26 -20.40
N PHE A 116 -26.46 12.75 -21.14
CA PHE A 116 -26.46 12.82 -22.62
C PHE A 116 -27.76 12.22 -23.17
N GLU A 117 -28.08 11.01 -22.69
CA GLU A 117 -29.21 10.20 -23.19
C GLU A 117 -30.50 11.02 -23.01
N ASP A 118 -30.58 11.77 -21.90
CA ASP A 118 -31.81 12.51 -21.49
C ASP A 118 -31.98 13.75 -22.38
N LEU A 119 -30.93 14.27 -23.01
CA LEU A 119 -31.12 15.44 -23.90
C LEU A 119 -30.92 15.09 -25.38
N LYS A 120 -30.57 13.83 -25.70
CA LYS A 120 -30.22 13.39 -27.07
C LYS A 120 -31.38 13.67 -28.04
N GLU A 121 -32.60 13.24 -27.68
CA GLU A 121 -33.80 13.28 -28.56
C GLU A 121 -34.16 14.73 -28.88
N ASN A 122 -34.15 15.59 -27.85
CA ASN A 122 -34.44 17.04 -28.00
C ASN A 122 -33.43 17.67 -28.97
N LEU A 123 -32.15 17.33 -28.84
CA LEU A 123 -31.05 17.89 -29.68
C LEU A 123 -31.22 17.42 -31.13
N ILE A 124 -31.66 16.18 -31.35
CA ILE A 124 -31.86 15.65 -32.74
C ILE A 124 -33.04 16.41 -33.35
N ARG A 125 -34.17 16.51 -32.63
CA ARG A 125 -35.37 17.27 -33.09
C ARG A 125 -34.94 18.70 -33.46
N GLU A 126 -34.16 19.33 -32.59
CA GLU A 126 -33.77 20.76 -32.75
C GLU A 126 -32.90 20.91 -33.99
N TYR A 127 -31.99 19.97 -34.22
CA TYR A 127 -31.01 20.03 -35.34
C TYR A 127 -31.75 19.88 -36.67
N VAL A 128 -32.74 18.98 -36.73
CA VAL A 128 -33.54 18.74 -37.96
C VAL A 128 -34.35 20.01 -38.26
N LYS A 129 -35.13 20.49 -37.28
CA LYS A 129 -35.96 21.72 -37.37
C LYS A 129 -35.13 22.92 -37.84
N GLN A 130 -33.91 23.08 -37.33
CA GLN A 130 -33.17 24.35 -37.43
C GLN A 130 -31.92 24.19 -38.31
N THR A 131 -31.80 23.10 -39.08
CA THR A 131 -30.76 22.96 -40.14
C THR A 131 -31.36 22.40 -41.42
N TRP A 132 -32.48 21.66 -41.37
CA TRP A 132 -33.26 21.21 -42.56
C TRP A 132 -34.63 21.89 -42.62
N ASN A 133 -34.95 22.76 -41.65
CA ASN A 133 -36.10 23.71 -41.64
C ASN A 133 -37.41 23.00 -42.01
N LEU A 134 -37.66 21.82 -41.44
CA LEU A 134 -38.96 21.11 -41.55
C LEU A 134 -39.79 21.36 -40.30
N GLN A 135 -41.12 21.35 -40.44
CA GLN A 135 -42.10 21.59 -39.34
C GLN A 135 -43.18 20.51 -39.34
N GLY A 136 -43.04 19.53 -40.23
CA GLY A 136 -43.96 18.38 -40.41
C GLY A 136 -43.37 17.47 -41.46
N GLN A 137 -44.07 16.40 -41.83
CA GLN A 137 -43.64 15.43 -42.88
C GLN A 137 -42.31 14.80 -42.48
N ALA A 138 -41.21 15.21 -43.13
CA ALA A 138 -39.84 14.71 -42.86
C ALA A 138 -39.42 15.06 -41.43
N LEU A 139 -39.84 16.22 -40.89
CA LEU A 139 -39.73 16.60 -39.45
C LEU A 139 -39.67 15.32 -38.59
N GLU A 140 -40.61 14.40 -38.82
CA GLU A 140 -40.69 13.08 -38.12
C GLU A 140 -40.08 11.96 -38.97
N GLN A 141 -40.33 11.98 -40.28
CA GLN A 141 -39.79 10.96 -41.21
C GLN A 141 -38.27 11.10 -41.28
N ALA A 142 -37.77 12.32 -41.52
CA ALA A 142 -36.33 12.69 -41.61
C ALA A 142 -35.57 12.25 -40.35
N ILE A 143 -36.19 12.38 -39.17
CA ILE A 143 -35.61 11.93 -37.87
C ILE A 143 -35.37 10.41 -37.96
N ILE A 144 -36.43 9.65 -38.22
CA ILE A 144 -36.40 8.16 -38.28
C ILE A 144 -35.55 7.73 -39.49
N SER A 145 -35.75 8.35 -40.67
CA SER A 145 -34.96 8.15 -41.91
C SER A 145 -33.47 8.16 -41.59
N GLN A 146 -33.02 9.21 -40.90
CA GLN A 146 -31.57 9.57 -40.76
C GLN A 146 -31.13 9.40 -39.29
N LYS A 147 -31.86 8.61 -38.49
CA LYS A 147 -31.60 8.45 -37.04
C LYS A 147 -30.13 8.09 -36.80
N PRO A 148 -29.56 7.05 -37.44
CA PRO A 148 -28.15 6.69 -37.24
C PRO A 148 -27.13 7.82 -37.44
N GLN A 149 -27.29 8.62 -38.50
CA GLN A 149 -26.38 9.74 -38.85
C GLN A 149 -26.53 10.86 -37.81
N LEU A 150 -27.78 11.13 -37.39
CA LEU A 150 -28.14 12.20 -36.44
C LEU A 150 -27.62 11.84 -35.04
N GLU A 151 -27.74 10.57 -34.63
CA GLU A 151 -27.30 10.07 -33.31
C GLU A 151 -25.78 10.25 -33.22
N LYS A 152 -25.05 9.81 -34.25
CA LYS A 152 -23.58 9.91 -34.33
C LYS A 152 -23.15 11.39 -34.25
N LEU A 153 -23.83 12.28 -34.97
CA LEU A 153 -23.49 13.72 -35.00
C LEU A 153 -23.78 14.35 -33.63
N ILE A 154 -25.00 14.16 -33.11
CA ILE A 154 -25.41 14.74 -31.81
C ILE A 154 -24.45 14.21 -30.71
N ALA A 155 -23.96 12.98 -30.81
CA ALA A 155 -23.07 12.36 -29.80
C ALA A 155 -21.76 13.17 -29.74
N THR A 156 -21.27 13.61 -30.89
CA THR A 156 -19.96 14.29 -31.04
C THR A 156 -20.04 15.78 -30.66
N THR A 157 -21.23 16.37 -30.55
CA THR A 157 -21.39 17.84 -30.32
C THR A 157 -22.23 18.15 -29.07
N ALA A 158 -22.90 17.16 -28.45
CA ALA A 158 -23.82 17.37 -27.32
C ALA A 158 -23.11 18.00 -26.10
N HIS A 159 -21.80 17.82 -25.97
CA HIS A 159 -21.00 18.45 -24.88
C HIS A 159 -21.13 19.98 -24.97
N GLU A 160 -21.22 20.53 -26.18
CA GLU A 160 -21.17 22.01 -26.42
C GLU A 160 -22.29 22.69 -25.62
N LYS A 161 -23.35 21.96 -25.28
CA LYS A 161 -24.55 22.51 -24.58
C LYS A 161 -24.44 22.31 -23.06
N MET A 162 -23.52 21.48 -22.59
CA MET A 162 -23.52 20.98 -21.20
C MET A 162 -22.90 22.03 -20.29
N PRO A 163 -23.37 22.11 -19.02
CA PRO A 163 -22.97 23.20 -18.13
C PRO A 163 -21.47 23.24 -17.77
N TRP A 164 -20.75 22.13 -17.90
CA TRP A 164 -19.32 22.05 -17.51
C TRP A 164 -18.40 22.40 -18.67
N PHE A 165 -18.93 22.56 -19.88
CA PHE A 165 -18.12 22.85 -21.08
C PHE A 165 -18.11 24.36 -21.34
N HIS A 166 -16.93 24.98 -21.31
CA HIS A 166 -16.76 26.45 -21.35
C HIS A 166 -16.09 26.85 -22.67
N GLY A 167 -15.89 25.90 -23.60
CA GLY A 167 -15.53 26.26 -24.97
C GLY A 167 -14.09 26.68 -25.08
N LYS A 168 -13.80 27.56 -26.03
CA LYS A 168 -12.40 27.93 -26.38
C LYS A 168 -11.97 29.08 -25.47
N ILE A 169 -11.57 28.76 -24.24
CA ILE A 169 -11.00 29.75 -23.27
C ILE A 169 -9.62 29.25 -22.87
N SER A 170 -8.77 30.17 -22.40
CA SER A 170 -7.37 29.88 -22.06
C SER A 170 -7.30 29.20 -20.69
N ARG A 171 -6.14 28.67 -20.35
CA ARG A 171 -5.79 28.18 -19.00
C ARG A 171 -6.00 29.27 -17.96
N GLU A 172 -5.49 30.48 -18.20
CA GLU A 172 -5.57 31.60 -17.24
C GLU A 172 -7.05 31.97 -17.02
N GLU A 173 -7.86 32.06 -18.08
CA GLU A 173 -9.28 32.45 -17.97
C GLU A 173 -10.00 31.35 -17.19
N SER A 174 -9.70 30.08 -17.47
CA SER A 174 -10.38 28.94 -16.80
CA SER A 174 -10.38 28.94 -16.80
C SER A 174 -10.05 28.99 -15.31
N GLU A 175 -8.80 29.18 -14.97
CA GLU A 175 -8.39 29.32 -13.54
C GLU A 175 -9.18 30.46 -12.86
N GLN A 176 -9.32 31.60 -13.52
CA GLN A 176 -10.03 32.77 -12.95
C GLN A 176 -11.47 32.37 -12.67
N ILE A 177 -12.13 31.69 -13.61
CA ILE A 177 -13.59 31.42 -13.44
C ILE A 177 -13.77 30.38 -12.33
N VAL A 178 -12.88 29.39 -12.23
CA VAL A 178 -13.04 28.33 -11.18
C VAL A 178 -12.81 28.95 -9.78
N LEU A 179 -11.90 29.91 -9.68
CA LEU A 179 -11.51 30.52 -8.37
C LEU A 179 -12.56 31.55 -7.89
N ILE A 180 -13.48 32.02 -8.73
CA ILE A 180 -14.55 32.97 -8.30
C ILE A 180 -15.59 32.21 -7.48
N GLY A 181 -16.04 32.78 -6.36
CA GLY A 181 -17.13 32.22 -5.55
C GLY A 181 -16.72 31.00 -4.72
N SER A 182 -17.69 30.14 -4.45
CA SER A 182 -17.57 28.99 -3.52
C SER A 182 -16.40 28.12 -3.98
N LYS A 183 -15.51 27.75 -3.05
CA LYS A 183 -14.26 27.00 -3.33
C LYS A 183 -14.46 25.50 -3.11
N THR A 184 -15.64 25.00 -3.49
CA THR A 184 -16.05 23.58 -3.41
C THR A 184 -15.02 22.65 -4.07
N ASN A 185 -14.46 21.71 -3.32
CA ASN A 185 -13.54 20.68 -3.86
C ASN A 185 -14.28 19.92 -4.98
N GLY A 186 -13.60 19.77 -6.11
CA GLY A 186 -14.12 19.01 -7.27
C GLY A 186 -14.81 19.93 -8.26
N LYS A 187 -14.96 21.21 -7.94
CA LYS A 187 -15.57 22.18 -8.89
C LYS A 187 -14.72 22.14 -10.16
N PHE A 188 -15.35 22.10 -11.33
CA PHE A 188 -14.59 21.76 -12.56
C PHE A 188 -15.22 22.39 -13.79
N LEU A 189 -14.41 22.45 -14.83
CA LEU A 189 -14.90 22.66 -16.20
C LEU A 189 -13.99 21.93 -17.18
N ILE A 190 -14.47 21.84 -18.41
CA ILE A 190 -13.65 21.40 -19.57
C ILE A 190 -13.64 22.54 -20.58
N ARG A 191 -12.48 22.78 -21.15
CA ARG A 191 -12.27 23.78 -22.20
C ARG A 191 -11.61 23.11 -23.40
N ALA A 192 -11.84 23.71 -24.57
CA ALA A 192 -11.11 23.40 -25.82
C ALA A 192 -9.74 24.05 -25.73
N ARG A 193 -8.69 23.30 -26.07
CA ARG A 193 -7.27 23.74 -25.98
C ARG A 193 -6.73 24.09 -27.38
N ASP A 194 -7.46 23.74 -28.44
CA ASP A 194 -7.10 24.04 -29.86
C ASP A 194 -8.33 23.74 -30.74
N ASN A 195 -8.19 23.70 -32.07
CA ASN A 195 -9.31 23.40 -33.00
C ASN A 195 -9.22 21.94 -33.46
N ASN A 196 -8.15 21.24 -33.09
CA ASN A 196 -7.88 19.84 -33.50
C ASN A 196 -8.53 18.86 -32.51
N GLY A 197 -9.49 19.32 -31.67
CA GLY A 197 -10.25 18.45 -30.75
C GLY A 197 -9.41 17.99 -29.55
N SER A 198 -8.44 18.80 -29.13
CA SER A 198 -7.77 18.66 -27.81
C SER A 198 -8.49 19.50 -26.75
N TYR A 199 -8.49 19.03 -25.52
CA TYR A 199 -9.29 19.65 -24.44
C TYR A 199 -8.44 19.70 -23.18
N ALA A 200 -8.97 20.32 -22.13
CA ALA A 200 -8.34 20.31 -20.81
C ALA A 200 -9.42 20.28 -19.74
N LEU A 201 -9.10 19.59 -18.64
CA LEU A 201 -9.94 19.54 -17.43
C LEU A 201 -9.33 20.49 -16.40
N CYS A 202 -10.15 21.35 -15.81
CA CYS A 202 -9.76 22.27 -14.72
C CYS A 202 -10.56 21.85 -13.49
N LEU A 203 -9.86 21.56 -12.41
CA LEU A 203 -10.44 20.90 -11.24
C LEU A 203 -9.96 21.61 -9.96
N LEU A 204 -10.87 22.08 -9.12
CA LEU A 204 -10.47 22.72 -7.83
C LEU A 204 -10.15 21.68 -6.76
N HIS A 205 -8.95 21.75 -6.19
CA HIS A 205 -8.40 20.85 -5.16
C HIS A 205 -7.69 21.65 -4.05
N GLU A 206 -8.30 21.75 -2.88
CA GLU A 206 -7.75 22.48 -1.69
C GLU A 206 -7.33 23.88 -2.11
N GLY A 207 -8.18 24.58 -2.84
CA GLY A 207 -8.00 25.97 -3.29
C GLY A 207 -7.08 26.11 -4.49
N LYS A 208 -6.48 25.03 -4.99
CA LYS A 208 -5.55 25.05 -6.14
C LYS A 208 -6.30 24.51 -7.38
N VAL A 209 -6.27 25.24 -8.49
CA VAL A 209 -6.88 24.76 -9.77
C VAL A 209 -5.87 23.82 -10.39
N LEU A 210 -6.24 22.54 -10.50
CA LEU A 210 -5.44 21.52 -11.22
C LEU A 210 -5.83 21.55 -12.69
N HIS A 211 -4.86 21.39 -13.55
CA HIS A 211 -5.07 21.33 -15.02
C HIS A 211 -4.65 19.97 -15.54
N TYR A 212 -5.55 19.28 -16.23
CA TYR A 212 -5.22 17.97 -16.86
C TYR A 212 -5.51 18.07 -18.37
N ARG A 213 -4.50 17.77 -19.14
CA ARG A 213 -4.58 17.66 -20.62
C ARG A 213 -5.53 16.50 -20.98
N ILE A 214 -6.46 16.75 -21.88
CA ILE A 214 -7.29 15.67 -22.48
C ILE A 214 -6.86 15.55 -23.95
N ASP A 215 -6.15 14.48 -24.29
CA ASP A 215 -5.53 14.25 -25.61
C ASP A 215 -6.35 13.24 -26.43
N LYS A 216 -6.32 13.45 -27.75
CA LYS A 216 -6.92 12.61 -28.81
C LYS A 216 -5.84 11.64 -29.28
N ASP A 217 -6.06 10.33 -29.21
CA ASP A 217 -5.10 9.31 -29.71
C ASP A 217 -5.31 9.10 -31.23
N LYS A 218 -4.69 8.07 -31.82
CA LYS A 218 -4.79 7.78 -33.28
C LYS A 218 -6.26 7.69 -33.72
N THR A 219 -7.09 6.99 -32.93
CA THR A 219 -8.51 6.65 -33.21
C THR A 219 -9.45 7.84 -32.93
N GLY A 220 -8.96 8.92 -32.32
CA GLY A 220 -9.82 10.02 -31.87
C GLY A 220 -10.41 9.74 -30.48
N LYS A 221 -9.82 8.79 -29.75
CA LYS A 221 -10.24 8.50 -28.35
C LYS A 221 -9.61 9.54 -27.42
N LEU A 222 -10.38 9.98 -26.43
CA LEU A 222 -9.99 11.04 -25.47
C LEU A 222 -9.54 10.41 -24.15
N SER A 223 -8.46 10.93 -23.58
CA SER A 223 -8.01 10.54 -22.23
C SER A 223 -7.17 11.63 -21.59
N ILE A 224 -7.14 11.62 -20.26
CA ILE A 224 -6.10 12.34 -19.48
C ILE A 224 -4.87 11.45 -19.58
N PRO A 225 -3.66 11.96 -19.29
CA PRO A 225 -2.45 11.13 -19.44
C PRO A 225 -2.57 9.84 -18.61
N GLU A 226 -2.33 8.69 -19.25
CA GLU A 226 -2.32 7.34 -18.64
C GLU A 226 -3.74 6.92 -18.25
N GLY A 227 -4.77 7.65 -18.65
CA GLY A 227 -6.16 7.36 -18.25
C GLY A 227 -6.89 6.46 -19.22
N LYS A 228 -8.05 5.99 -18.77
CA LYS A 228 -9.06 5.25 -19.55
C LYS A 228 -9.38 6.06 -20.82
N LYS A 229 -9.66 5.37 -21.92
CA LYS A 229 -10.01 5.97 -23.23
C LYS A 229 -11.53 6.11 -23.35
N PHE A 230 -12.02 7.25 -23.86
CA PHE A 230 -13.45 7.53 -24.07
C PHE A 230 -13.65 7.97 -25.51
N ASP A 231 -14.83 7.73 -26.05
CA ASP A 231 -15.22 8.25 -27.39
C ASP A 231 -15.64 9.71 -27.25
N THR A 232 -16.25 10.10 -26.13
CA THR A 232 -16.77 11.48 -25.97
C THR A 232 -16.40 12.08 -24.61
N LEU A 233 -16.48 13.41 -24.53
CA LEU A 233 -16.22 14.17 -23.29
C LEU A 233 -17.31 13.88 -22.26
N TRP A 234 -18.55 13.69 -22.70
CA TRP A 234 -19.66 13.47 -21.74
C TRP A 234 -19.47 12.10 -21.05
N GLN A 235 -18.91 11.10 -21.73
CA GLN A 235 -18.50 9.80 -21.12
C GLN A 235 -17.39 10.05 -20.09
N LEU A 236 -16.38 10.82 -20.45
CA LEU A 236 -15.22 11.10 -19.58
C LEU A 236 -15.70 11.79 -18.28
N VAL A 237 -16.59 12.78 -18.42
CA VAL A 237 -17.08 13.56 -17.25
C VAL A 237 -17.91 12.65 -16.34
N GLU A 238 -18.77 11.80 -16.93
CA GLU A 238 -19.59 10.85 -16.13
C GLU A 238 -18.64 9.95 -15.34
N HIS A 239 -17.57 9.48 -15.95
CA HIS A 239 -16.63 8.53 -15.32
C HIS A 239 -15.95 9.19 -14.11
N TYR A 240 -15.34 10.34 -14.31
CA TYR A 240 -14.51 11.00 -13.28
C TYR A 240 -15.38 11.68 -12.22
N SER A 241 -16.70 11.82 -12.45
CA SER A 241 -17.69 12.24 -11.42
C SER A 241 -17.97 11.07 -10.48
N TYR A 242 -17.70 9.84 -10.94
CA TYR A 242 -18.00 8.59 -10.21
C TYR A 242 -16.75 8.08 -9.48
N LYS A 243 -15.61 8.09 -10.15
CA LYS A 243 -14.34 7.50 -9.69
C LYS A 243 -13.19 8.44 -10.03
N ALA A 244 -12.29 8.74 -9.09
CA ALA A 244 -11.17 9.69 -9.28
C ALA A 244 -10.17 9.11 -10.28
N ASP A 245 -9.85 7.82 -10.11
N ASP A 245 -9.86 7.82 -10.14
CA ASP A 245 -9.13 7.01 -11.12
CA ASP A 245 -8.78 7.13 -10.89
C ASP A 245 -7.91 7.76 -11.67
C ASP A 245 -7.53 8.00 -10.88
N GLY A 246 -7.02 8.30 -10.82
N GLY A 246 -7.06 8.44 -12.06
CA GLY A 246 -5.79 8.99 -11.27
CA GLY A 246 -5.84 9.27 -12.22
C GLY A 246 -5.89 10.52 -11.21
C GLY A 246 -5.90 10.59 -11.43
N LEU A 247 -7.08 11.12 -11.17
CA LEU A 247 -7.25 12.54 -10.69
C LEU A 247 -7.01 12.58 -9.18
N LEU A 248 -6.61 13.75 -8.65
CA LEU A 248 -6.42 13.88 -7.18
C LEU A 248 -7.76 13.83 -6.47
N ARG A 249 -8.89 14.01 -7.16
CA ARG A 249 -10.23 13.79 -6.56
C ARG A 249 -11.26 13.72 -7.67
N VAL A 250 -12.50 13.33 -7.33
CA VAL A 250 -13.64 13.26 -8.29
C VAL A 250 -14.10 14.66 -8.67
N LEU A 251 -14.66 14.78 -9.86
CA LEU A 251 -15.40 15.98 -10.33
C LEU A 251 -16.67 16.06 -9.52
N THR A 252 -17.09 17.27 -9.11
CA THR A 252 -18.36 17.48 -8.38
C THR A 252 -19.21 18.46 -9.17
N VAL A 253 -19.18 19.73 -8.77
CA VAL A 253 -20.12 20.74 -9.31
C VAL A 253 -19.49 21.40 -10.53
N PRO A 254 -20.24 21.50 -11.65
CA PRO A 254 -19.79 22.23 -12.82
C PRO A 254 -19.62 23.71 -12.47
N CYS A 255 -18.49 24.28 -12.87
CA CYS A 255 -18.23 25.73 -12.70
C CYS A 255 -19.29 26.51 -13.52
N GLN A 256 -19.93 27.50 -12.91
CA GLN A 256 -20.91 28.39 -13.58
C GLN A 256 -20.24 29.08 -14.78
N LYS A 257 -20.93 29.10 -15.91
CA LYS A 257 -20.55 29.92 -17.09
C LYS A 257 -21.00 31.35 -16.81
N ILE A 258 -20.24 32.33 -17.30
CA ILE A 258 -20.60 33.78 -17.29
C ILE A 258 -22.03 33.91 -17.87
N GLY A 259 -22.99 34.41 -17.07
CA GLY A 259 -24.43 34.41 -17.38
C GLY A 259 -24.80 35.35 -18.52
N SER B 1 25.71 -17.31 -11.31
CA SER B 1 24.54 -16.86 -12.10
C SER B 1 25.03 -15.94 -13.23
N MET B 2 24.18 -15.69 -14.22
CA MET B 2 24.48 -14.71 -15.29
C MET B 2 24.65 -13.31 -14.65
N ALA B 3 23.97 -13.02 -13.53
CA ALA B 3 24.16 -11.76 -12.76
C ALA B 3 25.64 -11.61 -12.35
N ASP B 4 26.29 -12.71 -11.94
CA ASP B 4 27.75 -12.73 -11.60
C ASP B 4 28.57 -12.45 -12.86
N SER B 5 28.21 -13.02 -14.01
CA SER B 5 28.84 -12.70 -15.33
C SER B 5 28.58 -11.24 -15.70
N ALA B 6 27.35 -10.74 -15.51
CA ALA B 6 26.93 -9.37 -15.89
C ALA B 6 27.69 -8.33 -15.05
N ASN B 7 28.21 -8.71 -13.87
CA ASN B 7 29.12 -7.84 -13.05
C ASN B 7 30.34 -7.38 -13.86
N HIS B 8 30.78 -8.14 -14.87
CA HIS B 8 31.90 -7.77 -15.79
C HIS B 8 31.48 -6.61 -16.71
N LEU B 9 30.17 -6.34 -16.85
CA LEU B 9 29.68 -5.22 -17.69
C LEU B 9 29.72 -3.95 -16.85
N PRO B 10 30.41 -2.89 -17.32
CA PRO B 10 30.54 -1.65 -16.56
C PRO B 10 29.22 -0.86 -16.48
N PHE B 11 28.23 -1.19 -17.31
CA PHE B 11 26.88 -0.55 -17.33
C PHE B 11 25.82 -1.45 -16.67
N PHE B 12 26.22 -2.51 -15.95
CA PHE B 12 25.30 -3.34 -15.13
C PHE B 12 25.23 -2.82 -13.70
N PHE B 13 24.03 -2.54 -13.21
CA PHE B 13 23.78 -1.86 -11.92
C PHE B 13 23.21 -2.81 -10.87
N GLY B 14 23.05 -4.09 -11.20
CA GLY B 14 22.50 -5.07 -10.24
C GLY B 14 21.03 -4.80 -9.98
N ASN B 15 20.61 -5.06 -8.74
CA ASN B 15 19.19 -4.94 -8.31
C ASN B 15 18.93 -3.49 -7.89
N ILE B 16 18.55 -2.63 -8.83
CA ILE B 16 18.10 -1.25 -8.54
C ILE B 16 16.63 -1.14 -8.93
N THR B 17 15.93 -0.14 -8.43
CA THR B 17 14.52 0.08 -8.80
C THR B 17 14.49 0.71 -10.19
N ARG B 18 13.35 0.57 -10.83
CA ARG B 18 13.01 1.29 -12.09
C ARG B 18 13.27 2.80 -11.87
N GLU B 19 12.90 3.35 -10.72
CA GLU B 19 13.03 4.80 -10.44
C GLU B 19 14.53 5.16 -10.42
N GLU B 20 15.33 4.34 -9.74
CA GLU B 20 16.81 4.52 -9.62
C GLU B 20 17.44 4.43 -11.02
N ALA B 21 16.98 3.50 -11.86
CA ALA B 21 17.47 3.37 -13.25
C ALA B 21 17.23 4.69 -13.99
N GLU B 22 16.02 5.23 -13.86
CA GLU B 22 15.63 6.48 -14.57
C GLU B 22 16.49 7.64 -14.07
N ASP B 23 16.72 7.74 -12.75
CA ASP B 23 17.60 8.77 -12.13
C ASP B 23 18.99 8.67 -12.77
N TYR B 24 19.53 7.46 -12.94
CA TYR B 24 20.89 7.27 -13.53
C TYR B 24 20.89 7.75 -14.98
N LEU B 25 19.84 7.44 -15.75
CA LEU B 25 19.80 7.86 -17.18
C LEU B 25 19.79 9.40 -17.25
N VAL B 26 19.09 10.07 -16.34
CA VAL B 26 19.07 11.56 -16.30
C VAL B 26 20.50 12.06 -16.04
N GLN B 27 21.16 11.50 -15.02
CA GLN B 27 22.57 11.79 -14.66
C GLN B 27 23.44 11.74 -15.91
N GLY B 28 23.25 10.72 -16.75
CA GLY B 28 24.08 10.47 -17.94
C GLY B 28 23.66 11.32 -19.12
N GLY B 29 22.68 12.20 -18.95
CA GLY B 29 22.32 13.20 -19.98
C GLY B 29 21.06 12.81 -20.75
N MET B 30 20.46 11.66 -20.46
CA MET B 30 19.12 11.33 -21.01
C MET B 30 19.15 11.45 -22.53
N SER B 31 20.29 11.19 -23.15
CA SER B 31 20.49 11.25 -24.62
C SER B 31 19.92 9.99 -25.26
N ASP B 32 19.39 10.14 -26.47
CA ASP B 32 18.85 9.03 -27.29
C ASP B 32 19.89 7.91 -27.34
N GLY B 33 19.46 6.68 -27.02
CA GLY B 33 20.29 5.47 -27.13
C GLY B 33 21.23 5.28 -25.95
N LEU B 34 21.15 6.12 -24.94
CA LEU B 34 21.81 5.91 -23.64
C LEU B 34 21.08 4.75 -22.94
N TYR B 35 21.83 3.81 -22.38
CA TYR B 35 21.18 2.63 -21.77
C TYR B 35 22.01 2.10 -20.60
N LEU B 36 21.34 1.34 -19.74
CA LEU B 36 22.01 0.56 -18.69
C LEU B 36 21.26 -0.76 -18.55
N LEU B 37 21.91 -1.70 -17.89
CA LEU B 37 21.37 -3.04 -17.64
C LEU B 37 21.22 -3.20 -16.12
N ARG B 38 20.19 -3.93 -15.71
CA ARG B 38 19.96 -4.21 -14.28
C ARG B 38 19.32 -5.61 -14.15
N GLN B 39 19.19 -6.06 -12.93
CA GLN B 39 18.59 -7.36 -12.59
C GLN B 39 17.06 -7.21 -12.55
N SER B 40 16.31 -8.12 -13.15
CA SER B 40 14.84 -8.19 -12.97
C SER B 40 14.57 -8.43 -11.49
N ARG B 41 13.63 -7.72 -10.94
CA ARG B 41 13.22 -7.87 -9.52
C ARG B 41 12.13 -8.94 -9.40
N ASN B 42 11.45 -9.33 -10.49
CA ASN B 42 10.32 -10.28 -10.36
C ASN B 42 10.45 -11.50 -11.31
N TYR B 43 11.43 -11.52 -12.22
CA TYR B 43 11.72 -12.73 -13.04
C TYR B 43 13.04 -13.31 -12.61
N LEU B 44 12.98 -14.51 -12.01
CA LEU B 44 14.19 -15.19 -11.53
C LEU B 44 15.12 -15.42 -12.73
N GLY B 45 16.39 -15.07 -12.56
CA GLY B 45 17.44 -15.16 -13.59
C GLY B 45 17.28 -14.12 -14.68
N GLY B 46 16.31 -13.22 -14.55
CA GLY B 46 16.00 -12.18 -15.53
C GLY B 46 16.85 -10.93 -15.38
N PHE B 47 16.82 -10.10 -16.41
CA PHE B 47 17.47 -8.78 -16.47
C PHE B 47 16.46 -7.78 -16.98
N ALA B 48 16.82 -6.51 -16.92
CA ALA B 48 16.05 -5.41 -17.51
C ALA B 48 17.02 -4.44 -18.16
N LEU B 49 16.65 -3.98 -19.34
CA LEU B 49 17.37 -2.97 -20.14
C LEU B 49 16.60 -1.66 -19.98
N SER B 50 17.26 -0.57 -19.56
CA SER B 50 16.65 0.77 -19.44
C SER B 50 17.31 1.71 -20.45
N VAL B 51 16.53 2.28 -21.36
CA VAL B 51 17.04 3.06 -22.54
C VAL B 51 16.36 4.44 -22.59
N ALA B 52 17.14 5.50 -22.79
CA ALA B 52 16.61 6.87 -23.04
C ALA B 52 16.32 7.03 -24.55
N HIS B 53 15.13 7.51 -24.88
CA HIS B 53 14.78 7.97 -26.26
C HIS B 53 13.64 9.00 -26.15
N GLY B 54 13.81 10.14 -26.83
CA GLY B 54 12.86 11.27 -26.76
C GLY B 54 12.65 11.74 -25.33
N ARG B 55 13.73 11.77 -24.52
CA ARG B 55 13.72 12.23 -23.11
C ARG B 55 12.66 11.46 -22.30
N LYS B 56 12.39 10.21 -22.69
CA LYS B 56 11.62 9.21 -21.90
C LYS B 56 12.50 7.98 -21.66
N ALA B 57 12.25 7.28 -20.56
CA ALA B 57 12.89 6.00 -20.17
C ALA B 57 12.03 4.87 -20.71
N HIS B 58 12.64 3.91 -21.41
CA HIS B 58 11.99 2.70 -21.96
C HIS B 58 12.62 1.51 -21.25
N HIS B 59 11.79 0.68 -20.62
CA HIS B 59 12.24 -0.49 -19.83
C HIS B 59 11.79 -1.78 -20.53
N TYR B 60 12.70 -2.73 -20.66
CA TYR B 60 12.46 -4.05 -21.30
C TYR B 60 12.96 -5.14 -20.36
N THR B 61 12.10 -6.09 -20.05
CA THR B 61 12.47 -7.31 -19.29
C THR B 61 13.14 -8.31 -20.24
N ILE B 62 14.29 -8.79 -19.83
CA ILE B 62 15.04 -9.90 -20.47
C ILE B 62 14.82 -11.14 -19.62
N GLU B 63 14.02 -12.09 -20.09
CA GLU B 63 13.78 -13.34 -19.32
C GLU B 63 14.84 -14.38 -19.68
N ARG B 64 15.22 -15.19 -18.69
CA ARG B 64 15.96 -16.44 -18.93
C ARG B 64 14.94 -17.51 -19.39
N GLU B 65 15.07 -17.96 -20.64
CA GLU B 65 14.22 -19.04 -21.24
C GLU B 65 14.59 -20.36 -20.55
N LEU B 66 13.77 -21.39 -20.76
CA LEU B 66 13.97 -22.75 -20.18
C LEU B 66 15.32 -23.29 -20.64
N ASN B 67 15.67 -23.02 -21.91
CA ASN B 67 16.98 -23.29 -22.59
C ASN B 67 18.17 -22.76 -21.78
N GLY B 68 17.97 -21.70 -21.00
CA GLY B 68 19.09 -20.94 -20.42
C GLY B 68 19.56 -19.82 -21.35
N THR B 69 18.87 -19.57 -22.47
CA THR B 69 19.07 -18.37 -23.31
C THR B 69 18.22 -17.21 -22.78
N TYR B 70 18.36 -16.03 -23.39
CA TYR B 70 17.78 -14.75 -22.93
C TYR B 70 17.02 -14.11 -24.07
N ALA B 71 15.83 -13.60 -23.78
CA ALA B 71 14.97 -12.96 -24.78
C ALA B 71 14.06 -11.95 -24.10
N ILE B 72 13.78 -10.90 -24.84
CA ILE B 72 12.67 -9.97 -24.58
C ILE B 72 11.42 -10.51 -25.29
N ALA B 73 10.30 -10.52 -24.57
N ALA B 73 10.27 -10.54 -24.62
CA ALA B 73 8.92 -10.71 -25.06
CA ALA B 73 8.93 -10.83 -25.20
C ALA B 73 8.86 -11.81 -26.11
C ALA B 73 8.99 -12.07 -26.11
N GLY B 74 8.21 -11.48 -27.22
N GLY B 74 9.62 -13.17 -25.66
CA GLY B 74 8.25 -12.23 -28.48
CA GLY B 74 9.74 -14.44 -26.41
C GLY B 74 9.52 -11.87 -29.21
C GLY B 74 10.40 -14.27 -27.77
N GLY B 75 10.65 -12.35 -28.68
N GLY B 75 10.87 -13.05 -28.11
CA GLY B 75 11.98 -12.03 -29.22
CA GLY B 75 11.53 -12.71 -29.39
C GLY B 75 12.85 -13.25 -29.49
C GLY B 75 12.79 -13.52 -29.59
N ARG B 76 13.76 -13.05 -30.42
CA ARG B 76 15.00 -13.84 -30.71
C ARG B 76 15.79 -14.06 -29.42
N THR B 77 16.45 -15.21 -29.31
CA THR B 77 17.20 -15.61 -28.10
C THR B 77 18.68 -15.29 -28.28
N HIS B 78 19.36 -15.07 -27.17
CA HIS B 78 20.79 -14.67 -27.10
C HIS B 78 21.42 -15.49 -25.99
N ALA B 79 22.72 -15.73 -26.05
CA ALA B 79 23.43 -16.60 -25.09
C ALA B 79 23.53 -15.90 -23.73
N SER B 80 23.49 -14.57 -23.73
CA SER B 80 23.76 -13.72 -22.54
C SER B 80 23.16 -12.34 -22.74
N PRO B 81 22.90 -11.59 -21.64
CA PRO B 81 22.50 -10.20 -21.72
C PRO B 81 23.54 -9.35 -22.48
N ALA B 82 24.82 -9.58 -22.23
CA ALA B 82 25.94 -8.92 -22.95
C ALA B 82 25.74 -9.07 -24.47
N ASP B 83 25.47 -10.30 -24.94
CA ASP B 83 25.23 -10.57 -26.38
C ASP B 83 23.95 -9.91 -26.83
N LEU B 84 22.91 -9.92 -25.97
CA LEU B 84 21.64 -9.24 -26.34
C LEU B 84 21.93 -7.75 -26.55
N CYS B 85 22.67 -7.12 -25.64
CA CYS B 85 22.94 -5.65 -25.72
C CYS B 85 23.77 -5.36 -26.99
N HIS B 86 24.78 -6.18 -27.27
CA HIS B 86 25.62 -6.02 -28.50
C HIS B 86 24.73 -6.08 -29.74
N TYR B 87 23.91 -7.12 -29.85
CA TYR B 87 22.95 -7.29 -30.97
C TYR B 87 22.14 -6.02 -31.13
N HIS B 88 21.64 -5.44 -30.03
CA HIS B 88 20.69 -4.31 -30.06
C HIS B 88 21.41 -2.97 -30.29
N SER B 89 22.73 -2.99 -30.25
CA SER B 89 23.57 -1.84 -30.68
C SER B 89 23.62 -1.77 -32.22
N GLN B 90 23.21 -2.83 -32.92
CA GLN B 90 23.28 -2.89 -34.41
C GLN B 90 21.89 -3.07 -35.03
N GLU B 91 20.97 -3.77 -34.35
CA GLU B 91 19.57 -4.00 -34.80
C GLU B 91 18.61 -3.59 -33.68
N SER B 92 17.68 -2.68 -33.96
CA SER B 92 16.65 -2.25 -32.98
C SER B 92 15.71 -3.42 -32.72
N ASP B 93 15.30 -4.13 -33.78
CA ASP B 93 14.54 -5.41 -33.71
C ASP B 93 13.47 -5.32 -32.61
N GLY B 94 12.57 -4.32 -32.70
CA GLY B 94 11.43 -4.17 -31.78
C GLY B 94 11.66 -3.14 -30.67
N LEU B 95 12.92 -2.85 -30.30
CA LEU B 95 13.23 -1.78 -29.29
C LEU B 95 12.96 -0.41 -29.90
N VAL B 96 12.73 0.58 -29.06
CA VAL B 96 12.50 2.00 -29.44
C VAL B 96 13.66 2.53 -30.30
N CYS B 97 14.89 2.08 -30.09
CA CYS B 97 16.08 2.62 -30.81
C CYS B 97 17.28 1.70 -30.61
N LEU B 98 18.38 2.00 -31.31
CA LEU B 98 19.68 1.32 -31.14
C LEU B 98 20.23 1.66 -29.75
N LEU B 99 20.88 0.69 -29.14
CA LEU B 99 21.69 0.94 -27.92
C LEU B 99 22.98 1.60 -28.36
N LYS B 100 23.09 2.92 -28.12
CA LYS B 100 24.16 3.76 -28.70
C LYS B 100 25.33 3.89 -27.71
N LYS B 101 25.05 4.29 -26.49
CA LYS B 101 26.13 4.57 -25.51
C LYS B 101 25.69 4.06 -24.14
N PRO B 102 26.50 3.16 -23.53
CA PRO B 102 26.19 2.67 -22.20
C PRO B 102 26.36 3.82 -21.21
N PHE B 103 25.52 3.84 -20.18
CA PHE B 103 25.76 4.62 -18.96
C PHE B 103 26.45 3.70 -17.97
N ASN B 104 27.73 3.94 -17.71
CA ASN B 104 28.56 3.11 -16.81
C ASN B 104 28.24 3.50 -15.37
N ARG B 105 28.34 2.53 -14.46
CA ARG B 105 28.31 2.77 -13.00
C ARG B 105 29.26 3.93 -12.75
N PRO B 106 28.82 5.05 -12.14
CA PRO B 106 29.75 6.07 -11.66
C PRO B 106 30.79 5.43 -10.73
N GLN B 107 31.98 6.02 -10.58
CA GLN B 107 33.05 5.42 -9.75
C GLN B 107 32.57 5.37 -8.29
N GLY B 108 32.89 4.29 -7.58
CA GLY B 108 32.40 4.02 -6.22
C GLY B 108 31.10 3.24 -6.21
N VAL B 109 30.35 3.21 -7.32
CA VAL B 109 29.04 2.50 -7.46
C VAL B 109 29.31 1.06 -7.96
N GLN B 110 28.94 0.08 -7.14
CA GLN B 110 29.00 -1.37 -7.45
C GLN B 110 27.61 -1.82 -7.87
N PRO B 111 27.47 -2.96 -8.57
CA PRO B 111 26.15 -3.58 -8.74
C PRO B 111 25.48 -3.73 -7.37
N LYS B 112 24.20 -3.40 -7.25
CA LYS B 112 23.46 -3.52 -5.98
C LYS B 112 22.89 -4.95 -5.83
N THR B 113 22.97 -5.51 -4.61
CA THR B 113 22.47 -6.88 -4.29
C THR B 113 21.31 -6.79 -3.29
N GLY B 114 20.35 -7.69 -3.38
CA GLY B 114 19.24 -7.79 -2.41
C GLY B 114 19.56 -8.80 -1.31
N PRO B 115 18.64 -9.01 -0.35
CA PRO B 115 18.86 -9.92 0.78
C PRO B 115 19.13 -11.36 0.31
N PHE B 116 18.38 -11.86 -0.66
CA PHE B 116 18.57 -13.24 -1.17
C PHE B 116 20.01 -13.37 -1.68
N GLU B 117 20.40 -12.42 -2.52
CA GLU B 117 21.68 -12.44 -3.25
C GLU B 117 22.80 -12.50 -2.21
N ASP B 118 22.64 -11.82 -1.07
CA ASP B 118 23.68 -11.70 -0.03
C ASP B 118 23.81 -13.01 0.75
N LEU B 119 22.81 -13.89 0.75
CA LEU B 119 22.97 -15.18 1.50
C LEU B 119 22.99 -16.39 0.55
N LYS B 120 22.89 -16.17 -0.77
CA LYS B 120 22.80 -17.24 -1.81
C LYS B 120 23.94 -18.26 -1.67
N GLU B 121 25.18 -17.78 -1.61
CA GLU B 121 26.41 -18.62 -1.67
C GLU B 121 26.48 -19.51 -0.42
N ASN B 122 26.19 -18.95 0.76
CA ASN B 122 26.18 -19.68 2.05
CA ASN B 122 26.19 -19.70 2.04
C ASN B 122 25.13 -20.80 1.98
N LEU B 123 23.95 -20.50 1.42
CA LEU B 123 22.84 -21.49 1.34
C LEU B 123 23.24 -22.63 0.39
N ILE B 124 23.94 -22.32 -0.71
CA ILE B 124 24.37 -23.37 -1.68
C ILE B 124 25.43 -24.25 -0.99
N ARG B 125 26.43 -23.65 -0.35
CA ARG B 125 27.46 -24.39 0.44
C ARG B 125 26.77 -25.34 1.44
N GLU B 126 25.78 -24.82 2.17
CA GLU B 126 25.10 -25.62 3.22
C GLU B 126 24.35 -26.79 2.61
N TYR B 127 23.69 -26.59 1.47
CA TYR B 127 22.88 -27.65 0.80
C TYR B 127 23.81 -28.76 0.30
N VAL B 128 24.98 -28.40 -0.23
CA VAL B 128 25.96 -29.38 -0.79
C VAL B 128 26.53 -30.21 0.38
N LYS B 129 27.02 -29.55 1.43
CA LYS B 129 27.52 -30.18 2.69
C LYS B 129 26.49 -31.14 3.27
N GLN B 130 25.22 -30.75 3.29
CA GLN B 130 24.13 -31.50 3.98
C GLN B 130 23.64 -32.66 3.10
N THR B 131 23.43 -32.41 1.81
CA THR B 131 22.76 -33.36 0.88
C THR B 131 23.77 -34.36 0.30
N TRP B 132 25.01 -33.92 0.04
CA TRP B 132 26.06 -34.72 -0.65
C TRP B 132 27.26 -34.98 0.27
N ASN B 133 27.22 -34.47 1.51
CA ASN B 133 28.24 -34.67 2.59
C ASN B 133 29.66 -34.45 2.06
N LEU B 134 29.87 -33.37 1.29
CA LEU B 134 31.18 -33.02 0.70
C LEU B 134 31.87 -31.97 1.59
N GLN B 135 33.21 -32.05 1.62
CA GLN B 135 34.09 -31.08 2.29
C GLN B 135 35.28 -30.83 1.37
N GLY B 136 36.18 -29.95 1.80
CA GLY B 136 37.41 -29.59 1.08
C GLY B 136 37.10 -29.41 -0.38
N GLN B 137 38.01 -29.85 -1.24
CA GLN B 137 38.00 -29.47 -2.68
C GLN B 137 36.83 -30.11 -3.38
N ALA B 138 36.30 -31.22 -2.87
CA ALA B 138 35.13 -31.89 -3.49
C ALA B 138 33.89 -30.99 -3.39
N LEU B 139 33.73 -30.31 -2.25
CA LEU B 139 32.63 -29.33 -1.99
C LEU B 139 32.73 -28.21 -3.03
N GLU B 140 33.90 -27.62 -3.15
CA GLU B 140 34.19 -26.47 -4.06
C GLU B 140 33.89 -26.83 -5.52
N GLN B 141 34.30 -28.03 -5.95
CA GLN B 141 34.17 -28.45 -7.36
C GLN B 141 32.68 -28.63 -7.68
N ALA B 142 31.98 -29.41 -6.84
CA ALA B 142 30.53 -29.72 -6.93
C ALA B 142 29.69 -28.43 -7.04
N ILE B 143 30.09 -27.40 -6.32
CA ILE B 143 29.39 -26.08 -6.31
C ILE B 143 29.53 -25.48 -7.71
N ILE B 144 30.77 -25.31 -8.21
CA ILE B 144 31.09 -24.74 -9.55
C ILE B 144 30.52 -25.67 -10.63
N SER B 145 30.76 -26.98 -10.52
CA SER B 145 30.22 -28.04 -11.43
C SER B 145 28.72 -27.81 -11.66
N GLN B 146 27.95 -27.68 -10.57
CA GLN B 146 26.48 -27.76 -10.57
C GLN B 146 25.85 -26.41 -10.23
N LYS B 147 26.58 -25.31 -10.39
CA LYS B 147 26.14 -23.96 -9.96
C LYS B 147 24.75 -23.64 -10.50
N PRO B 148 24.48 -23.76 -11.81
CA PRO B 148 23.15 -23.41 -12.34
C PRO B 148 21.98 -24.19 -11.70
N GLN B 149 22.15 -25.50 -11.46
CA GLN B 149 21.10 -26.38 -10.86
C GLN B 149 20.90 -26.00 -9.39
N LEU B 150 22.01 -25.71 -8.70
CA LEU B 150 22.00 -25.38 -7.26
C LEU B 150 21.38 -23.98 -7.06
N GLU B 151 21.67 -23.03 -7.95
CA GLU B 151 21.12 -21.64 -7.86
C GLU B 151 19.61 -21.70 -8.04
N LYS B 152 19.13 -22.44 -9.03
CA LYS B 152 17.69 -22.64 -9.30
C LYS B 152 17.01 -23.26 -8.07
N LEU B 153 17.62 -24.30 -7.47
CA LEU B 153 17.04 -25.01 -6.30
C LEU B 153 17.05 -24.06 -5.09
N ILE B 154 18.19 -23.46 -4.78
CA ILE B 154 18.29 -22.58 -3.59
C ILE B 154 17.36 -21.37 -3.76
N ALA B 155 17.10 -20.93 -5.00
CA ALA B 155 16.21 -19.77 -5.27
C ALA B 155 14.78 -20.14 -4.82
N THR B 156 14.37 -21.40 -5.04
CA THR B 156 13.01 -21.89 -4.77
C THR B 156 12.81 -22.22 -3.28
N THR B 157 13.86 -22.35 -2.47
CA THR B 157 13.75 -22.83 -1.06
C THR B 157 14.34 -21.82 -0.06
N ALA B 158 15.00 -20.77 -0.53
CA ALA B 158 15.74 -19.79 0.31
C ALA B 158 14.80 -19.09 1.30
N HIS B 159 13.54 -18.89 0.94
CA HIS B 159 12.54 -18.27 1.86
C HIS B 159 12.45 -19.06 3.18
N GLU B 160 12.64 -20.38 3.14
CA GLU B 160 12.45 -21.28 4.33
C GLU B 160 13.38 -20.83 5.45
N LYS B 161 14.49 -20.17 5.11
CA LYS B 161 15.57 -19.79 6.06
C LYS B 161 15.45 -18.31 6.43
N MET B 162 14.59 -17.55 5.74
CA MET B 162 14.55 -16.08 5.96
C MET B 162 13.70 -15.77 7.18
N PRO B 163 14.02 -14.68 7.92
CA PRO B 163 13.41 -14.43 9.23
C PRO B 163 11.88 -14.15 9.19
N TRP B 164 11.32 -13.78 8.04
CA TRP B 164 9.88 -13.44 7.90
C TRP B 164 9.05 -14.67 7.54
N PHE B 165 9.68 -15.79 7.23
CA PHE B 165 8.96 -17.03 6.80
C PHE B 165 8.75 -17.95 8.00
N HIS B 166 7.51 -18.25 8.37
CA HIS B 166 7.18 -19.02 9.61
C HIS B 166 6.58 -20.40 9.25
N GLY B 167 6.54 -20.76 7.98
CA GLY B 167 6.22 -22.15 7.57
C GLY B 167 4.74 -22.49 7.72
N LYS B 168 4.42 -23.74 8.04
CA LYS B 168 3.04 -24.25 8.05
C LYS B 168 2.41 -23.97 9.42
N ILE B 169 2.01 -22.73 9.64
CA ILE B 169 1.24 -22.32 10.85
C ILE B 169 -0.10 -21.79 10.36
N SER B 170 -1.09 -21.85 11.24
CA SER B 170 -2.49 -21.48 10.89
C SER B 170 -2.60 -19.97 10.88
N ARG B 171 -3.72 -19.48 10.38
CA ARG B 171 -4.11 -18.05 10.48
C ARG B 171 -4.12 -17.60 11.95
N GLU B 172 -4.75 -18.38 12.82
CA GLU B 172 -4.88 -18.01 14.27
C GLU B 172 -3.49 -17.94 14.92
N GLU B 173 -2.64 -18.92 14.65
CA GLU B 173 -1.27 -18.94 15.23
C GLU B 173 -0.47 -17.76 14.71
N SER B 174 -0.60 -17.42 13.42
CA SER B 174 0.16 -16.30 12.81
C SER B 174 -0.29 -15.00 13.47
N GLU B 175 -1.59 -14.81 13.64
CA GLU B 175 -2.12 -13.59 14.30
C GLU B 175 -1.57 -13.48 15.73
N GLN B 176 -1.54 -14.59 16.47
CA GLN B 176 -1.01 -14.58 17.86
C GLN B 176 0.44 -14.12 17.83
N ILE B 177 1.27 -14.65 16.92
CA ILE B 177 2.73 -14.32 16.94
C ILE B 177 2.91 -12.85 16.55
N VAL B 178 2.15 -12.33 15.59
CA VAL B 178 2.33 -10.92 15.13
C VAL B 178 1.93 -9.96 16.27
N LEU B 179 0.92 -10.32 17.06
CA LEU B 179 0.34 -9.44 18.11
C LEU B 179 1.22 -9.44 19.37
N ILE B 180 2.13 -10.39 19.56
CA ILE B 180 3.06 -10.40 20.73
C ILE B 180 4.13 -9.33 20.52
N GLY B 181 4.46 -8.57 21.54
CA GLY B 181 5.60 -7.64 21.49
C GLY B 181 5.30 -6.36 20.72
N SER B 182 6.33 -5.78 20.14
CA SER B 182 6.32 -4.48 19.41
C SER B 182 5.17 -4.47 18.40
N LYS B 183 4.35 -3.41 18.43
CA LYS B 183 3.16 -3.23 17.55
C LYS B 183 3.50 -2.28 16.40
N THR B 184 4.75 -2.34 15.91
CA THR B 184 5.26 -1.56 14.76
C THR B 184 4.39 -1.78 13.52
N ASN B 185 3.84 -0.71 12.94
CA ASN B 185 3.07 -0.79 11.68
C ASN B 185 3.98 -1.42 10.61
N GLY B 186 3.46 -2.41 9.88
CA GLY B 186 4.18 -3.08 8.79
C GLY B 186 4.89 -4.33 9.25
N LYS B 187 4.86 -4.64 10.53
CA LYS B 187 5.45 -5.89 11.07
C LYS B 187 4.74 -7.04 10.36
N PHE B 188 5.48 -8.05 9.91
CA PHE B 188 4.89 -9.01 8.94
C PHE B 188 5.55 -10.37 9.04
N LEU B 189 4.81 -11.34 8.56
CA LEU B 189 5.37 -12.68 8.24
C LEU B 189 4.64 -13.24 7.03
N ILE B 190 5.24 -14.29 6.49
CA ILE B 190 4.61 -15.15 5.46
C ILE B 190 4.54 -16.54 6.03
N ARG B 191 3.39 -17.18 5.82
CA ARG B 191 3.16 -18.59 6.21
C ARG B 191 2.74 -19.34 4.94
N ALA B 192 2.98 -20.64 4.94
CA ALA B 192 2.36 -21.61 4.02
C ALA B 192 0.89 -21.76 4.43
N ARG B 193 -0.04 -21.62 3.49
CA ARG B 193 -1.50 -21.62 3.75
C ARG B 193 -2.11 -22.96 3.36
N ASP B 194 -1.41 -23.78 2.58
CA ASP B 194 -1.85 -25.15 2.21
C ASP B 194 -0.61 -26.01 1.96
N ASN B 195 -0.79 -27.23 1.47
CA ASN B 195 0.34 -28.17 1.18
C ASN B 195 0.60 -28.21 -0.32
N ASN B 196 0.21 -27.16 -1.06
CA ASN B 196 0.26 -27.13 -2.54
C ASN B 196 0.91 -25.81 -3.03
N GLY B 197 1.80 -25.22 -2.24
CA GLY B 197 2.63 -24.06 -2.65
C GLY B 197 1.87 -22.74 -2.64
N SER B 198 0.76 -22.64 -1.89
CA SER B 198 0.07 -21.35 -1.61
C SER B 198 0.51 -20.80 -0.25
N TYR B 199 0.46 -19.49 -0.10
CA TYR B 199 1.05 -18.77 1.04
C TYR B 199 0.08 -17.68 1.48
N ALA B 200 0.39 -17.05 2.61
CA ALA B 200 -0.38 -15.91 3.11
C ALA B 200 0.59 -14.92 3.74
N LEU B 201 0.29 -13.65 3.55
CA LEU B 201 1.02 -12.51 4.15
C LEU B 201 0.20 -12.01 5.33
N CYS B 202 0.84 -11.88 6.49
CA CYS B 202 0.24 -11.32 7.72
C CYS B 202 0.96 -10.01 8.02
N LEU B 203 0.19 -8.94 8.11
CA LEU B 203 0.72 -7.57 8.14
C LEU B 203 0.05 -6.78 9.26
N LEU B 204 0.81 -6.22 10.19
CA LEU B 204 0.22 -5.40 11.30
C LEU B 204 -0.12 -3.98 10.82
N HIS B 205 -1.39 -3.59 10.96
CA HIS B 205 -1.94 -2.27 10.57
C HIS B 205 -2.83 -1.69 11.67
N GLU B 206 -2.34 -0.68 12.37
CA GLU B 206 -3.04 0.02 13.49
C GLU B 206 -3.56 -1.03 14.48
N GLY B 207 -2.71 -2.00 14.86
CA GLY B 207 -3.01 -3.02 15.88
C GLY B 207 -3.84 -4.18 15.34
N LYS B 208 -4.28 -4.14 14.09
CA LYS B 208 -5.06 -5.23 13.45
C LYS B 208 -4.15 -6.05 12.52
N VAL B 209 -4.17 -7.38 12.65
CA VAL B 209 -3.40 -8.26 11.72
C VAL B 209 -4.20 -8.40 10.43
N LEU B 210 -3.67 -7.90 9.32
CA LEU B 210 -4.28 -8.10 7.99
C LEU B 210 -3.74 -9.38 7.37
N HIS B 211 -4.59 -10.14 6.69
CA HIS B 211 -4.22 -11.42 6.03
C HIS B 211 -4.44 -11.25 4.53
N TYR B 212 -3.41 -11.49 3.73
CA TYR B 212 -3.50 -11.47 2.25
C TYR B 212 -3.06 -12.83 1.71
N ARG B 213 -3.87 -13.36 0.82
CA ARG B 213 -3.60 -14.62 0.08
C ARG B 213 -2.44 -14.36 -0.89
N ILE B 214 -1.48 -15.25 -0.91
CA ILE B 214 -0.47 -15.32 -1.99
C ILE B 214 -0.77 -16.60 -2.78
N ASP B 215 -1.25 -16.46 -4.01
CA ASP B 215 -1.70 -17.58 -4.87
C ASP B 215 -0.64 -17.85 -5.94
N LYS B 216 -0.55 -19.13 -6.30
CA LYS B 216 0.25 -19.71 -7.40
C LYS B 216 -0.66 -19.71 -8.65
N ASP B 217 -0.26 -19.05 -9.74
CA ASP B 217 -1.01 -19.12 -11.03
C ASP B 217 -0.64 -20.41 -11.78
N LYS B 218 -1.06 -20.56 -13.04
CA LYS B 218 -0.82 -21.79 -13.83
C LYS B 218 0.68 -22.08 -13.92
N THR B 219 1.53 -21.06 -14.10
CA THR B 219 3.01 -21.21 -14.32
C THR B 219 3.76 -21.32 -12.99
N GLY B 220 3.08 -21.25 -11.85
CA GLY B 220 3.76 -21.28 -10.55
C GLY B 220 4.19 -19.88 -10.08
N LYS B 221 3.71 -18.82 -10.74
CA LYS B 221 4.02 -17.42 -10.34
C LYS B 221 3.16 -17.02 -9.12
N LEU B 222 3.76 -16.27 -8.20
CA LEU B 222 3.14 -15.90 -6.89
C LEU B 222 2.65 -14.46 -6.93
N SER B 223 1.43 -14.21 -6.43
CA SER B 223 0.91 -12.85 -6.27
C SER B 223 -0.18 -12.78 -5.20
N ILE B 224 -0.41 -11.59 -4.68
CA ILE B 224 -1.65 -11.27 -3.91
C ILE B 224 -2.70 -11.01 -4.98
N PRO B 225 -4.01 -11.07 -4.67
CA PRO B 225 -5.03 -10.89 -5.70
C PRO B 225 -4.84 -9.55 -6.45
N GLU B 226 -4.84 -9.61 -7.78
CA GLU B 226 -4.71 -8.44 -8.70
C GLU B 226 -3.30 -7.86 -8.64
N GLY B 227 -2.34 -8.51 -7.97
CA GLY B 227 -0.99 -7.95 -7.76
C GLY B 227 -0.02 -8.38 -8.85
N LYS B 228 1.10 -7.67 -8.91
CA LYS B 228 2.32 -8.04 -9.66
C LYS B 228 2.69 -9.51 -9.37
N LYS B 229 3.15 -10.22 -10.40
CA LYS B 229 3.56 -11.64 -10.33
C LYS B 229 5.05 -11.70 -10.03
N PHE B 230 5.45 -12.68 -9.21
CA PHE B 230 6.87 -12.92 -8.88
C PHE B 230 7.15 -14.40 -9.09
N ASP B 231 8.43 -14.74 -9.32
CA ASP B 231 8.85 -16.15 -9.35
C ASP B 231 9.04 -16.64 -7.91
N THR B 232 9.45 -15.81 -6.96
CA THR B 232 9.75 -16.23 -5.59
C THR B 232 9.13 -15.30 -4.54
N LEU B 233 9.03 -15.82 -3.31
CA LEU B 233 8.52 -15.04 -2.15
C LEU B 233 9.52 -13.95 -1.79
N TRP B 234 10.82 -14.20 -1.92
CA TRP B 234 11.83 -13.20 -1.51
C TRP B 234 11.77 -12.00 -2.48
N GLN B 235 11.42 -12.21 -3.76
CA GLN B 235 11.13 -11.10 -4.70
C GLN B 235 9.88 -10.32 -4.26
N LEU B 236 8.82 -11.02 -3.88
CA LEU B 236 7.55 -10.39 -3.46
C LEU B 236 7.81 -9.53 -2.20
N VAL B 237 8.57 -10.03 -1.24
CA VAL B 237 8.84 -9.33 0.04
C VAL B 237 9.65 -8.07 -0.24
N GLU B 238 10.65 -8.16 -1.12
CA GLU B 238 11.47 -6.99 -1.49
C GLU B 238 10.56 -5.93 -2.12
N HIS B 239 9.64 -6.33 -2.98
CA HIS B 239 8.74 -5.39 -3.67
C HIS B 239 7.85 -4.65 -2.67
N TYR B 240 7.14 -5.38 -1.81
CA TYR B 240 6.12 -4.78 -0.90
C TYR B 240 6.79 -4.09 0.30
N SER B 241 8.10 -4.29 0.51
CA SER B 241 8.91 -3.51 1.48
C SER B 241 9.22 -2.13 0.89
N TYR B 242 9.13 -1.99 -0.44
CA TYR B 242 9.46 -0.77 -1.20
C TYR B 242 8.20 0.03 -1.49
N LYS B 243 7.13 -0.64 -1.93
CA LYS B 243 5.91 -0.04 -2.51
C LYS B 243 4.71 -0.82 -1.97
N ALA B 244 3.67 -0.14 -1.47
CA ALA B 244 2.49 -0.80 -0.86
C ALA B 244 1.68 -1.47 -1.95
N ASP B 245 1.51 -0.81 -3.10
CA ASP B 245 0.63 -1.27 -4.21
C ASP B 245 -0.72 -1.66 -3.61
N GLY B 246 -1.14 -2.92 -3.76
CA GLY B 246 -2.45 -3.38 -3.26
C GLY B 246 -2.58 -3.39 -1.74
N LEU B 247 -1.47 -3.30 -0.98
CA LEU B 247 -1.53 -3.49 0.50
C LEU B 247 -1.97 -2.16 1.13
N LEU B 248 -2.51 -2.20 2.35
CA LEU B 248 -2.85 -0.98 3.11
C LEU B 248 -1.57 -0.24 3.54
N ARG B 249 -0.40 -0.88 3.52
CA ARG B 249 0.88 -0.22 3.87
C ARG B 249 2.02 -1.15 3.47
N VAL B 250 3.25 -0.65 3.50
CA VAL B 250 4.48 -1.41 3.18
C VAL B 250 4.81 -2.35 4.33
N LEU B 251 5.48 -3.45 3.97
CA LEU B 251 6.12 -4.37 4.93
C LEU B 251 7.30 -3.63 5.57
N THR B 252 7.53 -3.81 6.87
CA THR B 252 8.70 -3.21 7.57
C THR B 252 9.49 -4.33 8.23
N VAL B 253 9.25 -4.57 9.50
CA VAL B 253 10.12 -5.45 10.31
C VAL B 253 9.55 -6.87 10.25
N PRO B 254 10.39 -7.88 9.98
CA PRO B 254 9.97 -9.29 10.07
C PRO B 254 9.55 -9.62 11.50
N CYS B 255 8.41 -10.28 11.65
CA CYS B 255 7.93 -10.80 12.95
C CYS B 255 8.91 -11.90 13.38
N GLN B 256 9.41 -11.79 14.61
CA GLN B 256 10.38 -12.73 15.21
C GLN B 256 9.75 -14.13 15.24
N LYS B 257 10.53 -15.14 14.88
CA LYS B 257 10.12 -16.55 15.06
C LYS B 257 10.32 -16.93 16.53
N ILE B 258 9.42 -17.76 17.06
CA ILE B 258 9.57 -18.37 18.41
C ILE B 258 10.94 -19.06 18.45
N GLY B 259 11.84 -18.64 19.35
CA GLY B 259 13.24 -19.10 19.41
C GLY B 259 14.04 -18.51 18.26
N ASN C 7 21.87 -4.68 38.11
CA ASN C 7 21.39 -5.45 39.31
C ASN C 7 21.86 -6.91 39.21
N HIS C 8 21.95 -7.60 40.34
CA HIS C 8 22.69 -8.88 40.56
C HIS C 8 22.00 -10.05 39.87
N LEU C 9 20.70 -9.94 39.53
CA LEU C 9 19.94 -11.05 38.91
C LEU C 9 20.22 -11.07 37.40
N PRO C 10 20.64 -12.22 36.84
CA PRO C 10 21.00 -12.30 35.43
C PRO C 10 19.78 -12.21 34.49
N PHE C 11 18.57 -12.37 35.04
CA PHE C 11 17.28 -12.29 34.29
C PHE C 11 16.57 -10.95 34.58
N PHE C 12 17.25 -9.97 35.19
CA PHE C 12 16.72 -8.61 35.40
C PHE C 12 17.17 -7.70 34.25
N PHE C 13 16.22 -7.03 33.60
CA PHE C 13 16.45 -6.25 32.36
C PHE C 13 16.38 -4.75 32.59
N GLY C 14 16.12 -4.31 33.82
CA GLY C 14 15.98 -2.88 34.13
C GLY C 14 14.72 -2.31 33.48
N ASN C 15 14.81 -1.05 33.05
CA ASN C 15 13.65 -0.26 32.56
C ASN C 15 13.47 -0.52 31.06
N ILE C 16 12.77 -1.59 30.70
CA ILE C 16 12.38 -1.90 29.30
C ILE C 16 10.87 -1.78 29.23
N THR C 17 10.33 -1.68 28.02
CA THR C 17 8.88 -1.59 27.83
C THR C 17 8.31 -3.00 28.00
N ARG C 18 7.01 -3.06 28.28
CA ARG C 18 6.20 -4.29 28.22
C ARG C 18 6.44 -4.97 26.87
N GLU C 19 6.46 -4.22 25.78
CA GLU C 19 6.59 -4.81 24.41
C GLU C 19 7.98 -5.46 24.28
N GLU C 20 9.01 -4.76 24.75
CA GLU C 20 10.42 -5.25 24.75
C GLU C 20 10.53 -6.52 25.59
N ALA C 21 9.88 -6.55 26.76
CA ALA C 21 9.86 -7.78 27.59
C ALA C 21 9.27 -8.95 26.78
N GLU C 22 8.17 -8.71 26.08
CA GLU C 22 7.48 -9.77 25.30
C GLU C 22 8.41 -10.23 24.16
N ASP C 23 9.08 -9.30 23.47
CA ASP C 23 10.07 -9.60 22.41
C ASP C 23 11.14 -10.54 22.98
N TYR C 24 11.64 -10.28 24.20
CA TYR C 24 12.70 -11.11 24.81
C TYR C 24 12.15 -12.50 25.11
N LEU C 25 10.91 -12.60 25.60
CA LEU C 25 10.31 -13.93 25.89
C LEU C 25 10.21 -14.73 24.59
N VAL C 26 9.86 -14.09 23.47
CA VAL C 26 9.78 -14.78 22.15
C VAL C 26 11.18 -15.31 21.80
N GLN C 27 12.21 -14.46 21.90
CA GLN C 27 13.63 -14.81 21.70
C GLN C 27 13.98 -16.09 22.46
N GLY C 28 13.53 -16.19 23.72
CA GLY C 28 13.86 -17.33 24.61
C GLY C 28 12.96 -18.54 24.35
N GLY C 29 12.08 -18.48 23.36
CA GLY C 29 11.29 -19.64 22.90
C GLY C 29 9.86 -19.62 23.41
N MET C 30 9.48 -18.62 24.21
CA MET C 30 8.05 -18.44 24.59
C MET C 30 7.52 -19.75 25.20
N SER C 31 8.39 -20.52 25.86
CA SER C 31 8.06 -21.79 26.53
C SER C 31 7.34 -21.51 27.84
N ASP C 32 6.37 -22.36 28.21
CA ASP C 32 5.57 -22.21 29.44
C ASP C 32 6.55 -22.06 30.63
N GLY C 33 6.34 -21.03 31.46
CA GLY C 33 7.11 -20.81 32.69
C GLY C 33 8.44 -20.11 32.44
N LEU C 34 8.69 -19.69 31.21
CA LEU C 34 9.82 -18.78 30.88
C LEU C 34 9.49 -17.40 31.45
N TYR C 35 10.43 -16.75 32.12
CA TYR C 35 10.14 -15.46 32.78
C TYR C 35 11.38 -14.57 32.79
N LEU C 36 11.12 -13.28 32.93
CA LEU C 36 12.19 -12.30 33.24
C LEU C 36 11.60 -11.28 34.21
N LEU C 37 12.52 -10.51 34.78
CA LEU C 37 12.21 -9.47 35.77
C LEU C 37 12.62 -8.14 35.17
N ARG C 38 11.85 -7.10 35.46
CA ARG C 38 12.18 -5.74 34.97
C ARG C 38 11.71 -4.74 36.00
N GLN C 39 12.08 -3.47 35.79
CA GLN C 39 11.74 -2.36 36.69
C GLN C 39 10.30 -1.96 36.40
N SER C 40 9.48 -1.73 37.44
CA SER C 40 8.14 -1.17 37.26
C SER C 40 8.30 0.23 36.66
N ARG C 41 7.50 0.55 35.65
CA ARG C 41 7.58 1.86 34.98
C ARG C 41 6.68 2.87 35.68
N ASN C 42 5.76 2.41 36.55
CA ASN C 42 4.87 3.36 37.26
C ASN C 42 4.89 3.19 38.79
N TYR C 43 5.53 2.16 39.36
CA TYR C 43 5.67 2.03 40.84
C TYR C 43 7.13 2.20 41.22
N LEU C 44 7.43 3.28 41.90
CA LEU C 44 8.80 3.59 42.34
C LEU C 44 9.29 2.46 43.25
N GLY C 45 10.48 1.92 43.00
CA GLY C 45 11.09 0.77 43.71
C GLY C 45 10.36 -0.53 43.43
N GLY C 46 9.46 -0.52 42.45
CA GLY C 46 8.68 -1.69 42.02
C GLY C 46 9.40 -2.50 40.97
N PHE C 47 8.89 -3.70 40.75
CA PHE C 47 9.37 -4.61 39.70
C PHE C 47 8.15 -5.09 38.95
N ALA C 48 8.42 -5.66 37.78
CA ALA C 48 7.40 -6.40 37.03
C ALA C 48 8.02 -7.73 36.64
N LEU C 49 7.19 -8.75 36.73
CA LEU C 49 7.49 -10.12 36.32
C LEU C 49 6.78 -10.35 34.98
N SER C 50 7.50 -10.79 33.96
CA SER C 50 6.92 -11.13 32.64
C SER C 50 7.10 -12.63 32.39
N VAL C 51 6.00 -13.34 32.18
CA VAL C 51 5.98 -14.83 32.14
C VAL C 51 5.26 -15.31 30.87
N ALA C 52 5.85 -16.28 30.16
CA ALA C 52 5.20 -16.96 29.01
C ALA C 52 4.36 -18.12 29.55
N HIS C 53 3.10 -18.19 29.12
CA HIS C 53 2.21 -19.37 29.31
C HIS C 53 1.15 -19.38 28.21
N GLY C 54 0.99 -20.53 27.55
CA GLY C 54 0.08 -20.69 26.40
C GLY C 54 0.41 -19.69 25.29
N ARG C 55 1.70 -19.47 25.04
CA ARG C 55 2.22 -18.55 23.99
C ARG C 55 1.61 -17.16 24.12
N LYS C 56 1.28 -16.76 25.36
CA LYS C 56 0.90 -15.38 25.75
C LYS C 56 1.85 -14.89 26.85
N ALA C 57 2.06 -13.59 26.91
CA ALA C 57 2.87 -12.89 27.93
C ALA C 57 1.94 -12.46 29.05
N HIS C 58 2.30 -12.78 30.29
CA HIS C 58 1.54 -12.39 31.51
C HIS C 58 2.45 -11.48 32.32
N HIS C 59 1.96 -10.27 32.61
CA HIS C 59 2.74 -9.23 33.33
C HIS C 59 2.12 -8.97 34.70
N TYR C 60 2.96 -8.98 35.72
CA TYR C 60 2.54 -8.78 37.14
C TYR C 60 3.45 -7.73 37.76
N THR C 61 2.83 -6.70 38.33
CA THR C 61 3.53 -5.66 39.11
C THR C 61 3.85 -6.22 40.50
N ILE C 62 5.12 -6.12 40.87
CA ILE C 62 5.62 -6.38 42.24
C ILE C 62 5.82 -5.02 42.90
N GLU C 63 4.95 -4.65 43.85
CA GLU C 63 5.09 -3.34 44.55
C GLU C 63 6.01 -3.52 45.76
N ARG C 64 6.84 -2.53 46.04
CA ARG C 64 7.56 -2.40 47.33
C ARG C 64 6.57 -1.83 48.36
N GLU C 65 6.22 -2.62 49.36
CA GLU C 65 5.31 -2.23 50.48
C GLU C 65 6.05 -1.21 51.36
N LEU C 66 5.29 -0.53 52.24
CA LEU C 66 5.83 0.50 53.18
C LEU C 66 6.91 -0.16 54.06
N ASN C 67 6.60 -1.40 54.47
CA ASN C 67 7.45 -2.43 55.12
C ASN C 67 8.85 -2.54 54.53
N GLY C 68 9.00 -2.30 53.23
CA GLY C 68 10.23 -2.66 52.48
C GLY C 68 10.16 -4.07 51.90
N THR C 69 9.04 -4.78 52.09
CA THR C 69 8.79 -6.11 51.46
C THR C 69 8.14 -5.90 50.08
N TYR C 70 7.92 -7.01 49.36
CA TYR C 70 7.47 -7.04 47.94
C TYR C 70 6.26 -7.95 47.83
N ALA C 71 5.23 -7.51 47.11
CA ALA C 71 3.99 -8.28 46.92
C ALA C 71 3.32 -7.91 45.61
N ILE C 72 2.66 -8.90 45.03
CA ILE C 72 1.78 -8.71 43.87
C ILE C 72 0.34 -8.53 44.37
N ALA C 73 -0.34 -7.50 43.89
CA ALA C 73 -1.80 -7.25 44.06
C ALA C 73 -2.23 -7.49 45.53
N GLY C 74 -1.53 -6.85 46.47
CA GLY C 74 -1.82 -6.88 47.93
C GLY C 74 -1.77 -8.29 48.51
N GLY C 75 -1.02 -9.22 47.90
CA GLY C 75 -0.91 -10.62 48.34
C GLY C 75 0.16 -10.79 49.42
N ARG C 76 0.62 -12.03 49.60
CA ARG C 76 1.66 -12.35 50.61
C ARG C 76 2.99 -11.70 50.20
N THR C 77 3.75 -11.30 51.21
CA THR C 77 4.94 -10.44 51.07
C THR C 77 6.18 -11.32 51.07
N HIS C 78 7.25 -10.81 50.46
CA HIS C 78 8.55 -11.50 50.27
C HIS C 78 9.63 -10.47 50.55
N ALA C 79 10.82 -10.88 50.98
CA ALA C 79 11.88 -9.95 51.41
C ALA C 79 12.50 -9.25 50.21
N SER C 80 12.46 -9.89 49.04
CA SER C 80 13.18 -9.43 47.83
C SER C 80 12.50 -10.01 46.58
N PRO C 81 12.72 -9.38 45.41
CA PRO C 81 12.27 -9.95 44.14
C PRO C 81 12.79 -11.38 43.92
N ALA C 82 14.08 -11.60 44.22
CA ALA C 82 14.74 -12.91 44.15
C ALA C 82 13.95 -13.93 44.98
N ASP C 83 13.58 -13.61 46.22
CA ASP C 83 12.80 -14.51 47.10
C ASP C 83 11.38 -14.69 46.52
N LEU C 84 10.77 -13.63 45.98
CA LEU C 84 9.43 -13.76 45.36
C LEU C 84 9.54 -14.76 44.20
N CYS C 85 10.56 -14.63 43.35
CA CYS C 85 10.72 -15.48 42.13
C CYS C 85 10.94 -16.93 42.58
N HIS C 86 11.81 -17.16 43.56
CA HIS C 86 12.09 -18.52 44.09
C HIS C 86 10.78 -19.14 44.59
N TYR C 87 10.05 -18.45 45.46
CA TYR C 87 8.75 -18.90 45.97
C TYR C 87 7.83 -19.31 44.81
N HIS C 88 7.79 -18.51 43.74
CA HIS C 88 6.83 -18.69 42.61
C HIS C 88 7.34 -19.75 41.62
N SER C 89 8.58 -20.22 41.80
CA SER C 89 9.11 -21.42 41.11
C SER C 89 8.52 -22.69 41.72
N GLN C 90 7.92 -22.62 42.93
CA GLN C 90 7.33 -23.81 43.64
C GLN C 90 5.83 -23.65 43.88
N GLU C 91 5.33 -22.43 44.06
CA GLU C 91 3.88 -22.14 44.27
C GLU C 91 3.42 -21.09 43.25
N SER C 92 2.39 -21.39 42.46
CA SER C 92 1.82 -20.43 41.49
C SER C 92 1.13 -19.29 42.25
N ASP C 93 0.39 -19.63 43.32
CA ASP C 93 -0.18 -18.66 44.29
C ASP C 93 -0.76 -17.44 43.53
N GLY C 94 -1.68 -17.68 42.60
CA GLY C 94 -2.39 -16.62 41.85
C GLY C 94 -1.82 -16.35 40.46
N LEU C 95 -0.55 -16.67 40.19
CA LEU C 95 0.08 -16.49 38.85
C LEU C 95 -0.47 -17.56 37.90
N VAL C 96 -0.39 -17.32 36.60
CA VAL C 96 -0.84 -18.28 35.54
C VAL C 96 -0.11 -19.62 35.70
N CYS C 97 1.13 -19.65 36.21
CA CYS C 97 1.95 -20.88 36.24
C CYS C 97 3.19 -20.68 37.10
N LEU C 98 3.92 -21.77 37.31
CA LEU C 98 5.23 -21.77 38.01
C LEU C 98 6.25 -21.02 37.17
N LEU C 99 7.14 -20.29 37.83
CA LEU C 99 8.34 -19.72 37.19
C LEU C 99 9.35 -20.85 37.01
N LYS C 100 9.48 -21.35 35.78
CA LYS C 100 10.21 -22.59 35.47
C LYS C 100 11.64 -22.27 35.05
N LYS C 101 11.82 -21.36 34.10
CA LYS C 101 13.15 -21.09 33.51
C LYS C 101 13.33 -19.61 33.28
N PRO C 102 14.35 -18.98 33.90
CA PRO C 102 14.61 -17.57 33.69
C PRO C 102 15.10 -17.38 32.24
N PHE C 103 14.73 -16.27 31.61
CA PHE C 103 15.38 -15.78 30.39
C PHE C 103 16.43 -14.76 30.82
N ASN C 104 17.71 -15.10 30.68
CA ASN C 104 18.84 -14.22 31.09
C ASN C 104 19.04 -13.15 30.02
N ARG C 105 19.52 -11.99 30.45
CA ARG C 105 20.01 -10.93 29.54
C ARG C 105 20.92 -11.62 28.54
N PRO C 106 20.68 -11.53 27.21
CA PRO C 106 21.66 -11.98 26.22
C PRO C 106 22.99 -11.29 26.49
N GLN C 107 24.13 -11.90 26.10
CA GLN C 107 25.46 -11.30 26.43
C GLN C 107 25.59 -9.99 25.66
N GLY C 108 26.19 -8.97 26.28
CA GLY C 108 26.25 -7.60 25.74
C GLY C 108 25.11 -6.73 26.24
N VAL C 109 24.00 -7.32 26.68
CA VAL C 109 22.79 -6.59 27.17
C VAL C 109 22.90 -6.37 28.69
N GLN C 110 22.92 -5.10 29.11
CA GLN C 110 22.91 -4.66 30.53
C GLN C 110 21.48 -4.30 30.92
N PRO C 111 21.16 -4.23 32.22
CA PRO C 111 19.91 -3.63 32.66
C PRO C 111 19.78 -2.22 32.05
N LYS C 112 18.60 -1.87 31.53
CA LYS C 112 18.40 -0.56 30.86
C LYS C 112 17.99 0.47 31.90
N THR C 113 18.48 1.71 31.76
CA THR C 113 18.13 2.87 32.62
C THR C 113 17.46 3.94 31.75
N GLY C 114 16.54 4.70 32.33
CA GLY C 114 15.80 5.78 31.63
C GLY C 114 16.54 7.12 31.71
N PRO C 115 16.08 8.16 30.97
CA PRO C 115 16.77 9.45 30.95
C PRO C 115 16.96 10.08 32.35
N PHE C 116 16.15 9.70 33.34
CA PHE C 116 16.47 9.93 34.77
C PHE C 116 17.71 9.10 35.16
N GLU C 117 18.70 8.94 34.26
CA GLU C 117 20.15 8.75 34.51
C GLU C 117 20.78 10.11 34.77
N ASP C 118 19.96 11.15 34.76
CA ASP C 118 20.24 12.52 35.26
C ASP C 118 20.60 12.47 36.74
N LEU C 119 20.22 11.41 37.48
CA LEU C 119 20.59 11.22 38.89
C LEU C 119 22.08 10.85 39.00
N LYS C 120 22.52 9.83 38.25
CA LYS C 120 23.94 9.39 38.15
C LYS C 120 24.87 10.57 37.85
N GLU C 121 24.56 11.35 36.82
CA GLU C 121 25.44 12.41 36.26
C GLU C 121 25.62 13.53 37.30
N ASN C 122 24.54 13.95 37.94
CA ASN C 122 24.56 14.99 39.02
C ASN C 122 25.46 14.52 40.16
N LEU C 123 25.34 13.24 40.57
CA LEU C 123 26.12 12.68 41.70
C LEU C 123 27.61 12.61 41.32
N ILE C 124 27.95 12.31 40.07
CA ILE C 124 29.38 12.28 39.61
C ILE C 124 29.93 13.71 39.67
N ARG C 125 29.20 14.68 39.10
CA ARG C 125 29.59 16.11 39.08
C ARG C 125 29.77 16.63 40.51
N GLU C 126 28.94 16.16 41.46
CA GLU C 126 28.99 16.51 42.91
C GLU C 126 30.41 16.35 43.47
N TYR C 127 31.17 15.31 43.12
CA TYR C 127 32.64 15.37 43.30
C TYR C 127 33.25 16.33 42.28
N THR C 157 17.66 19.31 43.97
CA THR C 157 16.62 18.31 43.68
C THR C 157 16.50 18.17 42.15
N ALA C 158 16.74 16.96 41.64
CA ALA C 158 16.64 16.59 40.20
C ALA C 158 15.25 16.86 39.64
N HIS C 159 14.20 16.91 40.48
CA HIS C 159 12.84 17.38 40.15
C HIS C 159 12.87 18.69 39.36
N GLU C 160 13.79 19.60 39.71
CA GLU C 160 13.89 20.98 39.19
C GLU C 160 14.85 21.04 37.99
N LYS C 161 15.69 20.02 37.83
CA LYS C 161 16.79 19.97 36.83
C LYS C 161 16.35 19.21 35.58
N MET C 162 15.20 18.55 35.58
CA MET C 162 14.71 17.86 34.34
CA MET C 162 14.60 17.85 34.39
C MET C 162 14.27 18.91 33.33
N PRO C 163 14.64 18.74 32.04
CA PRO C 163 14.52 19.85 31.08
C PRO C 163 13.08 20.26 30.74
N TRP C 164 12.12 19.38 30.97
CA TRP C 164 10.69 19.60 30.63
C TRP C 164 9.93 20.18 31.82
N PHE C 165 10.55 20.29 32.99
CA PHE C 165 9.89 20.80 34.22
C PHE C 165 10.22 22.28 34.38
N HIS C 166 9.20 23.14 34.36
CA HIS C 166 9.37 24.62 34.35
C HIS C 166 8.90 25.23 35.67
N GLY C 167 8.52 24.41 36.64
CA GLY C 167 8.23 24.90 38.01
C GLY C 167 6.92 25.63 38.09
N LYS C 168 6.83 26.62 38.97
CA LYS C 168 5.56 27.32 39.27
C LYS C 168 5.36 28.43 38.24
N ILE C 169 4.83 28.07 37.07
CA ILE C 169 4.37 29.07 36.06
C ILE C 169 2.89 28.84 35.83
N SER C 170 2.18 29.88 35.42
CA SER C 170 0.72 29.87 35.20
C SER C 170 0.42 29.16 33.88
N ARG C 171 -0.86 28.89 33.64
CA ARG C 171 -1.35 28.42 32.33
C ARG C 171 -0.95 29.41 31.22
N GLU C 172 -1.18 30.70 31.41
CA GLU C 172 -0.89 31.68 30.32
C GLU C 172 0.63 31.77 30.09
N GLU C 173 1.45 31.74 31.13
CA GLU C 173 2.93 31.78 30.96
C GLU C 173 3.40 30.52 30.22
N SER C 174 2.82 29.37 30.55
CA SER C 174 3.23 28.09 29.91
C SER C 174 2.85 28.15 28.43
N GLU C 175 1.66 28.63 28.12
CA GLU C 175 1.23 28.78 26.71
C GLU C 175 2.20 29.68 25.95
N GLN C 176 2.59 30.80 26.55
CA GLN C 176 3.52 31.77 25.91
C GLN C 176 4.83 31.04 25.61
N ILE C 177 5.38 30.29 26.56
CA ILE C 177 6.74 29.69 26.36
C ILE C 177 6.66 28.59 25.31
N VAL C 178 5.57 27.80 25.27
CA VAL C 178 5.45 26.69 24.28
C VAL C 178 5.31 27.26 22.87
N LEU C 179 4.60 28.39 22.74
CA LEU C 179 4.29 28.98 21.41
C LEU C 179 5.49 29.76 20.84
N ILE C 180 6.48 30.13 21.64
CA ILE C 180 7.69 30.85 21.13
C ILE C 180 8.56 29.85 20.37
N GLY C 181 9.10 30.25 19.23
CA GLY C 181 10.24 29.55 18.62
C GLY C 181 9.83 28.29 17.87
N SER C 182 10.74 27.32 17.82
CA SER C 182 10.57 26.04 17.10
C SER C 182 9.28 25.40 17.60
N LYS C 183 8.41 24.90 16.71
N LYS C 183 8.36 25.18 16.68
CA LYS C 183 6.98 24.56 17.00
CA LYS C 183 7.08 24.51 16.88
C LYS C 183 6.59 23.14 16.56
C LYS C 183 7.25 23.13 16.24
N THR C 184 7.45 22.15 16.81
N THR C 184 7.48 22.06 17.01
CA THR C 184 7.15 20.73 16.44
CA THR C 184 7.17 20.71 16.49
C THR C 184 6.00 20.18 17.32
C THR C 184 6.04 20.12 17.34
N ASN C 185 5.21 19.31 16.69
CA ASN C 185 4.14 18.53 17.36
C ASN C 185 4.77 17.73 18.50
N GLY C 186 4.15 17.82 19.68
CA GLY C 186 4.58 17.07 20.88
C GLY C 186 5.50 17.87 21.74
N LYS C 187 5.88 19.08 21.35
CA LYS C 187 6.70 19.95 22.21
C LYS C 187 5.93 20.18 23.51
N PHE C 188 6.58 20.09 24.67
CA PHE C 188 5.82 19.96 25.94
C PHE C 188 6.62 20.49 27.11
N LEU C 189 5.88 20.78 28.16
CA LEU C 189 6.47 20.99 29.49
C LEU C 189 5.47 20.49 30.54
N ILE C 190 5.99 20.38 31.76
CA ILE C 190 5.16 20.18 32.98
C ILE C 190 5.42 21.36 33.89
N ARG C 191 4.35 21.87 34.48
CA ARG C 191 4.41 22.98 35.46
C ARG C 191 3.72 22.53 36.75
N ALA C 192 4.11 23.14 37.85
CA ALA C 192 3.36 23.11 39.13
C ALA C 192 2.12 23.97 38.99
N ARG C 193 0.95 23.44 39.30
CA ARG C 193 -0.36 24.10 39.15
C ARG C 193 -0.94 24.26 40.57
N ASP C 194 -1.46 25.43 40.93
CA ASP C 194 -2.27 25.64 42.16
C ASP C 194 -1.41 25.26 43.39
N ASN C 195 -2.01 25.25 44.57
CA ASN C 195 -1.32 25.35 45.88
C ASN C 195 -1.47 24.01 46.61
N ASN C 196 -1.50 22.89 45.87
CA ASN C 196 -1.93 21.57 46.41
C ASN C 196 -0.94 20.45 46.03
N GLY C 197 0.25 20.77 45.48
CA GLY C 197 1.22 19.78 44.97
C GLY C 197 0.79 19.10 43.66
N SER C 198 -0.09 19.74 42.90
CA SER C 198 -0.66 19.26 41.63
C SER C 198 0.15 19.84 40.47
N TYR C 199 -0.01 19.30 39.28
CA TYR C 199 0.84 19.67 38.13
C TYR C 199 -0.05 19.82 36.90
N ALA C 200 0.53 20.28 35.80
CA ALA C 200 -0.16 20.29 34.50
C ALA C 200 0.82 19.97 33.38
N LEU C 201 0.31 19.30 32.36
CA LEU C 201 1.05 19.00 31.13
C LEU C 201 0.59 19.98 30.04
N CYS C 202 1.55 20.61 29.38
CA CYS C 202 1.29 21.54 28.24
CA CYS C 202 1.35 21.57 28.27
C CYS C 202 1.95 20.94 27.01
N LEU C 203 1.14 20.72 25.98
CA LEU C 203 1.53 19.90 24.82
C LEU C 203 1.14 20.62 23.52
N LEU C 204 2.09 20.88 22.64
CA LEU C 204 1.79 21.50 21.31
C LEU C 204 1.21 20.48 20.32
N HIS C 205 0.03 20.77 19.77
CA HIS C 205 -0.73 19.93 18.81
C HIS C 205 -1.29 20.81 17.67
N GLU C 206 -0.75 20.67 16.47
CA GLU C 206 -1.13 21.43 15.25
C GLU C 206 -1.19 22.93 15.57
N GLY C 207 -0.18 23.46 16.25
CA GLY C 207 -0.08 24.90 16.59
C GLY C 207 -0.92 25.30 17.80
N LYS C 208 -1.71 24.41 18.39
CA LYS C 208 -2.55 24.70 19.60
C LYS C 208 -1.89 24.10 20.86
N VAL C 209 -1.75 24.89 21.92
CA VAL C 209 -1.24 24.37 23.22
C VAL C 209 -2.39 23.66 23.92
N LEU C 210 -2.27 22.35 24.12
CA LEU C 210 -3.22 21.55 24.93
C LEU C 210 -2.76 21.56 26.38
N HIS C 211 -3.71 21.66 27.30
CA HIS C 211 -3.43 21.64 28.76
C HIS C 211 -4.11 20.41 29.37
N TYR C 212 -3.36 19.58 30.09
CA TYR C 212 -3.90 18.40 30.80
C TYR C 212 -3.53 18.52 32.27
N ARG C 213 -4.54 18.41 33.12
CA ARG C 213 -4.38 18.39 34.61
CA ARG C 213 -4.39 18.38 34.60
C ARG C 213 -3.61 17.13 34.97
N ILE C 214 -2.59 17.26 35.81
CA ILE C 214 -1.99 16.07 36.48
C ILE C 214 -2.38 16.16 37.96
N ASP C 215 -3.27 15.26 38.40
CA ASP C 215 -3.82 15.24 39.77
C ASP C 215 -3.09 14.19 40.62
N LYS C 216 -2.93 14.54 41.90
CA LYS C 216 -2.36 13.72 42.98
C LYS C 216 -3.56 13.05 43.67
N ASP C 217 -3.61 11.72 43.75
CA ASP C 217 -4.70 10.99 44.45
C ASP C 217 -4.36 10.93 45.95
N LYS C 218 -5.12 10.16 46.73
CA LYS C 218 -4.95 10.02 48.19
C LYS C 218 -3.50 9.61 48.53
N THR C 219 -2.93 8.65 47.78
CA THR C 219 -1.60 8.05 48.07
C THR C 219 -0.45 8.87 47.47
N GLY C 220 -0.74 9.99 46.80
CA GLY C 220 0.28 10.82 46.16
C GLY C 220 0.60 10.35 44.75
N LYS C 221 -0.23 9.48 44.17
CA LYS C 221 -0.05 8.97 42.79
C LYS C 221 -0.54 10.02 41.79
N LEU C 222 0.22 10.19 40.71
CA LEU C 222 0.01 11.26 39.69
C LEU C 222 -0.63 10.64 38.45
N SER C 223 -1.65 11.28 37.91
CA SER C 223 -2.25 10.87 36.61
C SER C 223 -2.93 12.07 35.93
N ILE C 224 -3.09 11.98 34.62
CA ILE C 224 -4.06 12.83 33.89
C ILE C 224 -5.40 12.17 34.12
N PRO C 225 -6.53 12.87 33.91
CA PRO C 225 -7.84 12.27 34.16
C PRO C 225 -8.00 10.94 33.41
N GLU C 226 -8.44 9.92 34.13
CA GLU C 226 -8.78 8.57 33.61
C GLU C 226 -7.49 7.84 33.20
N GLY C 227 -6.31 8.36 33.49
CA GLY C 227 -5.04 7.79 32.99
C GLY C 227 -4.39 6.84 33.98
N LYS C 228 -3.38 6.11 33.50
CA LYS C 228 -2.48 5.27 34.33
CA LYS C 228 -2.48 5.27 34.33
C LYS C 228 -1.89 6.13 35.46
N LYS C 229 -1.71 5.55 36.65
CA LYS C 229 -1.15 6.22 37.83
C LYS C 229 0.36 6.02 37.90
N PHE C 230 1.11 7.04 38.29
CA PHE C 230 2.59 7.02 38.44
C PHE C 230 2.96 7.54 39.82
N ASP C 231 4.12 7.11 40.34
CA ASP C 231 4.68 7.65 41.60
C ASP C 231 5.41 8.94 41.29
N THR C 232 6.00 9.10 40.11
CA THR C 232 6.80 10.30 39.79
C THR C 232 6.43 10.89 38.43
N LEU C 233 6.77 12.16 38.24
CA LEU C 233 6.53 12.89 36.97
C LEU C 233 7.44 12.29 35.90
N TRP C 234 8.66 11.87 36.26
CA TRP C 234 9.60 11.34 35.23
C TRP C 234 9.07 10.02 34.69
N GLN C 235 8.37 9.20 35.50
CA GLN C 235 7.67 7.97 35.02
C GLN C 235 6.54 8.38 34.06
N LEU C 236 5.75 9.37 34.41
CA LEU C 236 4.59 9.81 33.57
C LEU C 236 5.13 10.32 32.22
N VAL C 237 6.19 11.11 32.22
CA VAL C 237 6.77 11.69 30.96
C VAL C 237 7.33 10.56 30.11
N GLU C 238 8.02 9.58 30.71
CA GLU C 238 8.57 8.43 29.95
C GLU C 238 7.41 7.67 29.29
N HIS C 239 6.31 7.47 30.01
CA HIS C 239 5.15 6.73 29.49
C HIS C 239 4.54 7.45 28.28
N TYR C 240 4.21 8.74 28.43
CA TYR C 240 3.48 9.51 27.39
C TYR C 240 4.42 9.91 26.23
N SER C 241 5.74 9.75 26.39
CA SER C 241 6.73 9.88 25.29
C SER C 241 6.68 8.62 24.44
N TYR C 242 6.18 7.51 24.99
CA TYR C 242 6.15 6.18 24.36
C TYR C 242 4.79 5.91 23.73
N LYS C 243 3.71 6.20 24.46
CA LYS C 243 2.31 5.89 24.10
C LYS C 243 1.44 7.11 24.40
N ALA C 244 0.57 7.52 23.49
CA ALA C 244 -0.29 8.72 23.68
C ALA C 244 -1.34 8.42 24.76
N ASP C 245 -1.92 7.22 24.77
CA ASP C 245 -3.07 6.85 25.64
C ASP C 245 -4.12 7.96 25.59
N GLY C 246 -4.41 8.61 26.71
CA GLY C 246 -5.45 9.67 26.74
C GLY C 246 -5.11 10.91 25.90
N LEU C 247 -3.84 11.14 25.56
CA LEU C 247 -3.40 12.44 24.95
C LEU C 247 -3.73 12.42 23.46
N LEU C 248 -3.87 13.59 22.83
CA LEU C 248 -4.08 13.64 21.36
C LEU C 248 -2.80 13.23 20.63
N ARG C 249 -1.63 13.24 21.27
CA ARG C 249 -0.38 12.73 20.65
C ARG C 249 0.66 12.50 21.74
N VAL C 250 1.77 11.85 21.38
CA VAL C 250 2.92 11.60 22.28
C VAL C 250 3.70 12.90 22.51
N LEU C 251 4.32 12.97 23.69
CA LEU C 251 5.29 14.01 24.06
C LEU C 251 6.54 13.76 23.19
N THR C 252 7.18 14.81 22.69
CA THR C 252 8.44 14.71 21.90
C THR C 252 9.50 15.55 22.60
N VAL C 253 9.70 16.78 22.15
CA VAL C 253 10.85 17.60 22.59
C VAL C 253 10.42 18.45 23.77
N PRO C 254 11.23 18.47 24.85
CA PRO C 254 11.01 19.37 25.96
C PRO C 254 11.09 20.83 25.51
N CYS C 255 10.15 21.64 25.95
CA CYS C 255 10.14 23.10 25.68
C CYS C 255 11.36 23.71 26.38
N GLN C 256 12.12 24.54 25.67
CA GLN C 256 13.25 25.33 26.22
C GLN C 256 12.77 26.15 27.42
N LYS C 257 13.53 26.12 28.51
CA LYS C 257 13.26 26.94 29.71
C LYS C 257 13.71 28.37 29.44
N ILE C 258 12.97 29.34 29.98
CA ILE C 258 13.38 30.78 30.00
C ILE C 258 14.77 30.83 30.64
N GLY C 259 15.79 31.33 29.94
CA GLY C 259 17.15 31.58 30.51
C GLY C 259 17.16 32.62 31.64
N THR C 260 18.30 32.81 32.32
CA THR C 260 18.44 33.79 33.43
C THR C 260 19.25 35.00 32.93
C1 PEG D . -16.97 -2.65 -18.49
O1 PEG D . -16.92 -2.73 -17.05
C2 PEG D . -16.54 -3.93 -19.22
O2 PEG D . -15.11 -3.95 -19.40
C3 PEG D . -14.48 -5.15 -18.99
C4 PEG D . -13.26 -4.87 -18.16
O4 PEG D . -13.20 -5.65 -16.97
S SCN E . -1.71 21.39 -12.26
C SCN E . -1.36 22.92 -12.20
N SCN E . -1.09 24.04 -12.11
S SCN F . -3.86 21.42 -19.48
C SCN F . -2.86 21.89 -20.59
N SCN F . -2.13 22.19 -21.46
S SCN G . -30.21 -6.09 -29.24
C SCN G . -30.96 -5.89 -30.59
N SCN G . -31.49 -5.78 -31.63
CL CL H . -18.39 1.80 -14.21
S SCN I . 12.25 -7.19 -29.08
C SCN I . 10.84 -7.87 -28.98
N SCN I . 9.78 -8.35 -28.90
S SCN J . 6.91 -24.61 4.77
C SCN J . 6.20 -24.60 3.39
N SCN J . 5.62 -24.60 2.36
S SCN K . -4.93 -15.33 3.78
C SCN K . -5.55 -16.38 4.76
N SCN K . -6.07 -17.14 5.48
S SCN L . 26.12 -10.95 -19.38
C SCN L . 27.43 -11.81 -19.53
N SCN L . 28.39 -12.46 -19.69
C1 EDO M . 9.95 -5.46 -7.51
O1 EDO M . 10.17 -4.34 -6.63
C2 EDO M . 10.21 -6.87 -7.00
O2 EDO M . 11.10 -7.13 -5.91
S SCN N . -6.73 22.62 26.65
C SCN N . -6.86 23.76 25.58
N SCN N . -6.99 24.62 24.84
S SCN O . -4.37 22.19 33.35
C SCN O . -4.65 23.74 33.34
N SCN O . -4.88 24.90 33.26
#